data_4R8A
#
_entry.id   4R8A
#
_cell.length_a   76.581
_cell.length_b   106.663
_cell.length_c   142.180
_cell.angle_alpha   90.00
_cell.angle_beta   89.97
_cell.angle_gamma   90.00
#
_symmetry.space_group_name_H-M   'P 1 21 1'
#
loop_
_entity.id
_entity.type
_entity.pdbx_description
1 polymer 'Uncharacterized protein'
2 polymer "DNA (5'-D(P*AP*CP*CP*AP*GP*AP*CP*AP*CP*AP*CP*AP*TP*TP*C)-3')"
3 polymer "DNA (5'-D(P*GP*TP*TP*GP*GP*GP*AP*TP*TP*G)-3')"
4 polymer "DNA (5'-D(P*GP*AP*AP*TP*GP*TP*GP*TP*GP*TP*CP*TP*CP*AP*AP*TP*CP*CP*CP*AP*A)-3')"
5 water water
#
loop_
_entity_poly.entity_id
_entity_poly.type
_entity_poly.pdbx_seq_one_letter_code
_entity_poly.pdbx_strand_id
1 'polypeptide(L)'
;MHEQYQAPLPVNSPALPEPFYYLHNFRAVLAWIGERYADLLDDQERAFIAAFAELPEASQALLVRMVMRKGTLFREGKLA
YAEIGDTRAAVQPLLALGWVDAQPTLELAQLFGLLKKDELSQLFRDHLGRANLRKDALLERLQPLFPEARRLAEWQADFA
EPVYELRCMALCDRLRLMYFGNLWQDWSEFVLADLGIYRYESVEFSADSRGFRLRADVDAYLHLFDCRQRFDLGEPLEEL
LAGLPGEPYANPWLEGRRVKLLFQFAQHCEKQRDFDLAQRLYRQSSHPGARLRAIRSLERGERFAEAHALAREASCAPES
DAERQGLARLLPRLQGKLGLPRQARAAAPEIDRLDLCLAFPSEPCSVEWAVREHLEEPGCAVHYVENGLINSLFGLLCWE
AIFAAIPGAFFHPFHSAPADLHSADFRQRRAALFEACLGRLEDGSYRDAIRCRYRDKFGLQSPFVYWELLGEELLEQALD
CLPAAHLRAWFERLLEDIPGNRAGLPDLIQFWPAQRRYRMVEVKGPGDRLQDNQLRWLQFCREREMPVAVCYVRWHVDD
;
A,F
2 'polydeoxyribonucleotide' (DA)(DC)(DC)(DA)(DG)(DA)(DC)(DA)(DC)(DA)(DC)(DA)(DT)(DT)(DC) B,G
3 'polydeoxyribonucleotide' (DG)(DT)(DT)(DG)(DG)(DG)(DA)(DT)(DT)(DG) C,H
4 'polydeoxyribonucleotide'
;(DG)(DA)(DA)(DT)(DG)(DT)(DG)(DT)(DG)(DT)(DC)(DT)(DC)(DA)(DA)(DT)(DC)(DC)(DC)(DA)
(DA)
;
D,I
#
loop_
_chem_comp.id
_chem_comp.type
_chem_comp.name
_chem_comp.formula
DA DNA linking 2'-DEOXYADENOSINE-5'-MONOPHOSPHATE 'C10 H14 N5 O6 P'
DC DNA linking 2'-DEOXYCYTIDINE-5'-MONOPHOSPHATE 'C9 H14 N3 O7 P'
DG DNA linking 2'-DEOXYGUANOSINE-5'-MONOPHOSPHATE 'C10 H14 N5 O7 P'
DT DNA linking THYMIDINE-5'-MONOPHOSPHATE 'C10 H15 N2 O8 P'
#
# COMPACT_ATOMS: atom_id res chain seq x y z
N LEU A 16 21.16 -1.29 45.41
CA LEU A 16 21.22 -1.59 46.84
C LEU A 16 21.94 -2.91 47.21
N PRO A 17 21.61 -4.04 46.55
CA PRO A 17 22.25 -5.29 46.98
C PRO A 17 23.74 -5.35 46.66
N GLU A 18 24.22 -4.53 45.73
CA GLU A 18 25.62 -4.51 45.37
C GLU A 18 26.28 -3.18 45.75
N PRO A 19 27.25 -3.23 46.68
CA PRO A 19 27.96 -2.05 47.20
C PRO A 19 28.66 -1.24 46.11
N PHE A 20 29.12 -1.91 45.05
CA PHE A 20 29.79 -1.22 43.95
C PHE A 20 28.84 -0.96 42.78
N TYR A 21 27.60 -0.61 43.09
CA TYR A 21 26.57 -0.44 42.07
C TYR A 21 26.93 0.70 41.13
N TYR A 22 27.50 1.76 41.70
CA TYR A 22 27.84 2.95 40.94
C TYR A 22 28.97 2.68 39.96
N LEU A 23 29.88 1.80 40.33
CA LEU A 23 31.01 1.46 39.47
C LEU A 23 30.55 0.60 38.31
N HIS A 24 29.64 -0.33 38.61
CA HIS A 24 29.03 -1.18 37.59
C HIS A 24 28.27 -0.35 36.57
N ASN A 25 27.57 0.68 37.04
CA ASN A 25 26.86 1.58 36.14
C ASN A 25 27.83 2.35 35.24
N PHE A 26 28.95 2.77 35.82
CA PHE A 26 29.97 3.50 35.08
C PHE A 26 30.66 2.59 34.06
N ARG A 27 30.90 1.35 34.46
CA ARG A 27 31.48 0.34 33.58
C ARG A 27 30.53 0.04 32.41
N ALA A 28 29.23 -0.02 32.73
CA ALA A 28 28.20 -0.23 31.73
C ALA A 28 28.21 0.84 30.65
N VAL A 29 28.37 2.10 31.06
CA VAL A 29 28.45 3.23 30.12
C VAL A 29 29.69 3.12 29.25
N LEU A 30 30.81 2.79 29.87
CA LEU A 30 32.07 2.63 29.16
C LEU A 30 31.99 1.55 28.10
N ALA A 31 31.40 0.42 28.45
CA ALA A 31 31.27 -0.69 27.49
C ALA A 31 30.31 -0.31 26.36
N TRP A 32 29.20 0.33 26.72
CA TRP A 32 28.24 0.83 25.74
C TRP A 32 28.92 1.78 24.75
N ILE A 33 29.80 2.63 25.26
CA ILE A 33 30.52 3.59 24.42
C ILE A 33 31.46 2.84 23.50
N GLY A 34 32.13 1.84 24.05
CA GLY A 34 33.04 1.00 23.28
C GLY A 34 32.38 0.31 22.10
N GLU A 35 31.12 -0.09 22.27
CA GLU A 35 30.41 -0.80 21.22
C GLU A 35 29.90 0.13 20.12
N ARG A 36 28.96 1.00 20.48
CA ARG A 36 28.23 1.81 19.52
C ARG A 36 28.96 3.07 19.04
N TYR A 37 29.86 3.61 19.87
CA TYR A 37 30.51 4.86 19.54
C TYR A 37 32.03 4.73 19.40
N ALA A 38 32.46 3.56 18.92
CA ALA A 38 33.88 3.27 18.80
C ALA A 38 34.62 4.20 17.83
N ASP A 39 33.98 4.50 16.71
CA ASP A 39 34.59 5.32 15.67
C ASP A 39 34.59 6.81 16.05
N LEU A 40 33.73 7.17 17.00
CA LEU A 40 33.61 8.56 17.43
C LEU A 40 34.63 8.88 18.50
N LEU A 41 35.33 7.85 18.97
CA LEU A 41 36.27 7.98 20.08
C LEU A 41 37.70 8.20 19.58
N ASP A 42 38.45 9.06 20.27
CA ASP A 42 39.82 9.41 19.85
C ASP A 42 40.91 8.62 20.59
N ASP A 43 42.14 8.77 20.13
CA ASP A 43 43.30 8.01 20.62
C ASP A 43 43.46 8.02 22.14
N GLN A 44 43.59 9.22 22.70
CA GLN A 44 43.80 9.37 24.14
C GLN A 44 42.57 8.96 24.96
N GLU A 45 41.42 8.89 24.31
CA GLU A 45 40.18 8.48 24.97
C GLU A 45 40.06 6.96 25.01
N ARG A 46 40.57 6.30 23.98
CA ARG A 46 40.59 4.85 23.94
C ARG A 46 41.57 4.32 24.99
N ALA A 47 42.61 5.12 25.22
CA ALA A 47 43.65 4.80 26.19
C ALA A 47 43.08 4.86 27.60
N PHE A 48 42.21 5.84 27.83
CA PHE A 48 41.55 6.00 29.12
C PHE A 48 40.70 4.77 29.48
N ILE A 49 39.81 4.38 28.58
CA ILE A 49 38.91 3.26 28.82
C ILE A 49 39.69 1.94 29.05
N ALA A 50 40.81 1.79 28.34
CA ALA A 50 41.68 0.64 28.49
C ALA A 50 42.38 0.67 29.85
N ALA A 51 42.91 1.85 30.18
CA ALA A 51 43.65 2.05 31.42
C ALA A 51 42.75 1.89 32.64
N PHE A 52 41.52 2.35 32.50
CA PHE A 52 40.56 2.29 33.60
C PHE A 52 40.28 0.85 34.02
N ALA A 53 40.20 -0.05 33.03
CA ALA A 53 39.87 -1.44 33.30
C ALA A 53 41.03 -2.16 34.01
N GLU A 54 42.24 -1.67 33.80
CA GLU A 54 43.44 -2.24 34.40
C GLU A 54 43.65 -1.77 35.83
N LEU A 55 42.85 -0.81 36.27
CA LEU A 55 42.94 -0.32 37.65
C LEU A 55 42.39 -1.36 38.62
N PRO A 56 42.86 -1.32 39.88
CA PRO A 56 42.25 -2.15 40.92
C PRO A 56 40.81 -1.74 41.13
N GLU A 57 40.01 -2.67 41.64
CA GLU A 57 38.59 -2.43 41.84
C GLU A 57 38.31 -1.22 42.74
N ALA A 58 39.05 -1.10 43.84
CA ALA A 58 38.84 0.03 44.75
C ALA A 58 39.33 1.36 44.18
N SER A 59 40.15 1.29 43.13
CA SER A 59 40.67 2.51 42.53
C SER A 59 39.68 3.05 41.51
N GLN A 60 39.07 2.13 40.77
CA GLN A 60 37.99 2.48 39.86
C GLN A 60 36.85 3.12 40.62
N ALA A 61 36.53 2.52 41.77
CA ALA A 61 35.42 2.98 42.60
C ALA A 61 35.65 4.41 43.10
N LEU A 62 36.84 4.67 43.61
CA LEU A 62 37.17 5.98 44.16
C LEU A 62 37.10 7.07 43.10
N LEU A 63 37.57 6.74 41.90
CA LEU A 63 37.53 7.67 40.78
C LEU A 63 36.10 8.04 40.42
N VAL A 64 35.27 7.02 40.24
CA VAL A 64 33.86 7.21 39.92
C VAL A 64 33.16 8.11 40.95
N ARG A 65 33.51 7.94 42.22
CA ARG A 65 32.94 8.77 43.29
C ARG A 65 33.17 10.25 43.08
N MET A 66 34.40 10.60 42.73
CA MET A 66 34.78 11.98 42.48
C MET A 66 34.13 12.51 41.19
N VAL A 67 33.96 11.63 40.22
CA VAL A 67 33.36 12.01 38.95
C VAL A 67 31.88 12.34 39.15
N MET A 68 31.20 11.47 39.89
CA MET A 68 29.78 11.61 40.15
C MET A 68 29.44 12.81 41.06
N ARG A 69 30.29 13.07 42.05
CA ARG A 69 30.07 14.16 42.99
C ARG A 69 30.32 15.51 42.37
N LYS A 70 29.76 16.54 42.99
CA LYS A 70 29.66 17.89 42.45
C LYS A 70 30.98 18.50 42.00
N GLY A 71 31.94 18.56 42.91
CA GLY A 71 33.18 19.24 42.63
C GLY A 71 34.15 18.51 41.72
N THR A 72 35.39 18.99 41.73
CA THR A 72 36.51 18.36 41.05
C THR A 72 37.64 18.43 42.09
N LEU A 73 37.44 19.29 43.10
CA LEU A 73 38.32 19.31 44.27
C LEU A 73 37.70 18.48 45.40
N PHE A 74 38.54 17.73 46.12
CA PHE A 74 38.05 16.90 47.23
C PHE A 74 39.05 16.85 48.37
N ARG A 75 38.57 17.07 49.59
CA ARG A 75 39.38 16.84 50.77
C ARG A 75 39.38 15.34 51.06
N GLU A 76 40.51 14.83 51.54
CA GLU A 76 40.63 13.40 51.81
C GLU A 76 39.60 12.93 52.84
N GLY A 77 39.32 13.78 53.81
CA GLY A 77 38.35 13.47 54.85
C GLY A 77 36.94 13.28 54.29
N LYS A 78 36.66 13.97 53.20
CA LYS A 78 35.35 13.87 52.57
C LYS A 78 35.30 12.75 51.53
N LEU A 79 36.30 11.86 51.57
CA LEU A 79 36.34 10.72 50.67
C LEU A 79 36.45 9.40 51.42
N ALA A 80 35.61 9.25 52.45
CA ALA A 80 35.60 8.05 53.26
C ALA A 80 34.51 7.08 52.80
N TYR A 81 34.91 5.99 52.15
CA TYR A 81 33.96 4.99 51.69
C TYR A 81 34.37 3.60 52.18
N ALA A 82 33.47 2.92 52.88
CA ALA A 82 33.78 1.64 53.50
C ALA A 82 34.10 0.54 52.48
N GLU A 83 33.42 0.58 51.34
CA GLU A 83 33.59 -0.44 50.32
C GLU A 83 34.93 -0.33 49.60
N ILE A 84 35.54 0.85 49.64
CA ILE A 84 36.82 1.06 48.97
C ILE A 84 37.98 0.98 49.95
N GLY A 85 37.68 1.14 51.23
CA GLY A 85 38.70 1.04 52.27
C GLY A 85 39.55 2.30 52.40
N ASP A 86 40.86 2.09 52.54
CA ASP A 86 41.82 3.19 52.67
C ASP A 86 41.80 4.04 51.41
N THR A 87 41.54 5.33 51.58
CA THR A 87 41.41 6.22 50.42
C THR A 87 42.78 6.68 49.92
N ARG A 88 43.66 7.02 50.85
CA ARG A 88 45.00 7.49 50.49
C ARG A 88 45.77 6.43 49.72
N ALA A 89 45.42 5.16 49.97
CA ALA A 89 46.03 4.05 49.26
C ALA A 89 45.39 3.85 47.89
N ALA A 90 44.06 3.77 47.88
CA ALA A 90 43.30 3.60 46.63
C ALA A 90 43.49 4.75 45.63
N VAL A 91 43.88 5.92 46.12
CA VAL A 91 44.06 7.09 45.26
C VAL A 91 45.42 7.07 44.57
N GLN A 92 46.31 6.21 45.04
CA GLN A 92 47.67 6.16 44.51
C GLN A 92 47.79 5.79 43.04
N PRO A 93 47.08 4.73 42.58
CA PRO A 93 47.17 4.44 41.14
C PRO A 93 46.58 5.55 40.29
N LEU A 94 45.78 6.41 40.91
CA LEU A 94 45.17 7.51 40.18
C LEU A 94 46.13 8.69 40.13
N LEU A 95 46.93 8.86 41.18
CA LEU A 95 47.95 9.89 41.18
C LEU A 95 49.05 9.50 40.20
N ALA A 96 49.24 8.19 40.04
CA ALA A 96 50.27 7.67 39.15
C ALA A 96 49.93 7.95 37.70
N LEU A 97 48.66 7.80 37.36
CA LEU A 97 48.16 8.10 36.02
C LEU A 97 48.00 9.60 35.78
N GLY A 98 47.99 10.38 36.85
CA GLY A 98 47.81 11.83 36.73
C GLY A 98 46.35 12.20 36.52
N TRP A 99 45.46 11.22 36.67
CA TRP A 99 44.02 11.45 36.60
C TRP A 99 43.55 12.24 37.80
N VAL A 100 44.25 12.08 38.92
CA VAL A 100 43.98 12.85 40.12
C VAL A 100 45.26 13.58 40.51
N ASP A 101 45.13 14.74 41.14
CA ASP A 101 46.29 15.56 41.48
C ASP A 101 46.32 16.09 42.89
N ALA A 102 47.06 15.44 43.77
CA ALA A 102 47.38 16.04 45.05
C ALA A 102 48.31 17.22 44.76
N GLN A 103 48.37 18.17 45.68
CA GLN A 103 49.03 19.45 45.43
C GLN A 103 48.50 20.18 44.19
N PRO A 104 47.19 20.48 44.16
CA PRO A 104 46.75 21.35 43.06
C PRO A 104 46.87 22.81 43.48
N THR A 105 46.89 23.71 42.51
CA THR A 105 46.92 25.14 42.82
C THR A 105 45.49 25.65 42.92
N LEU A 106 45.23 26.40 43.98
CA LEU A 106 43.87 26.82 44.31
C LEU A 106 43.73 28.33 44.35
N GLU A 107 42.73 28.84 43.63
CA GLU A 107 42.33 30.24 43.74
C GLU A 107 41.75 30.45 45.13
N LEU A 108 41.81 31.69 45.62
CA LEU A 108 41.28 32.01 46.95
C LEU A 108 39.79 31.72 47.01
N ALA A 109 39.13 31.79 45.86
CA ALA A 109 37.70 31.55 45.79
C ALA A 109 37.32 30.08 45.97
N GLN A 110 38.18 29.19 45.49
CA GLN A 110 37.90 27.75 45.58
C GLN A 110 38.50 27.10 46.82
N LEU A 111 39.47 27.78 47.44
CA LEU A 111 39.97 27.37 48.75
C LEU A 111 38.86 27.57 49.76
N PHE A 112 38.09 28.63 49.57
CA PHE A 112 36.93 28.91 50.41
C PHE A 112 35.88 27.81 50.32
N GLY A 113 35.84 27.13 49.17
CA GLY A 113 34.90 26.05 48.97
C GLY A 113 35.30 24.80 49.71
N LEU A 114 36.61 24.62 49.89
CA LEU A 114 37.12 23.41 50.54
C LEU A 114 37.10 23.53 52.05
N LEU A 115 37.36 24.73 52.56
CA LEU A 115 37.47 24.90 54.01
C LEU A 115 36.20 25.46 54.65
N LYS A 116 36.05 25.14 55.94
CA LYS A 116 35.00 25.68 56.77
C LYS A 116 35.28 27.13 57.11
N LYS A 117 34.24 27.85 57.55
CA LYS A 117 34.36 29.28 57.85
C LYS A 117 35.34 29.54 58.98
N ASP A 118 35.29 28.72 60.02
CA ASP A 118 36.15 28.91 61.18
C ASP A 118 37.62 28.69 60.84
N GLU A 119 37.87 27.71 59.97
CA GLU A 119 39.23 27.41 59.51
C GLU A 119 39.79 28.59 58.70
N LEU A 120 38.95 29.20 57.88
CA LEU A 120 39.37 30.33 57.05
C LEU A 120 39.58 31.60 57.87
N SER A 121 38.82 31.74 58.96
CA SER A 121 38.98 32.90 59.82
C SER A 121 40.30 32.82 60.57
N GLN A 122 40.70 31.60 60.93
CA GLN A 122 41.96 31.39 61.61
C GLN A 122 43.12 31.73 60.69
N LEU A 123 43.00 31.30 59.44
CA LEU A 123 44.09 31.43 58.47
C LEU A 123 44.33 32.89 58.11
N PHE A 124 43.26 33.60 57.76
CA PHE A 124 43.37 35.00 57.36
C PHE A 124 43.10 35.92 58.54
N ARG A 125 43.53 35.49 59.72
CA ARG A 125 43.29 36.20 60.97
C ARG A 125 43.79 37.64 60.93
N ASP A 126 45.04 37.81 60.48
CA ASP A 126 45.68 39.12 60.46
C ASP A 126 45.22 40.00 59.30
N HIS A 127 44.02 39.75 58.79
CA HIS A 127 43.47 40.53 57.68
C HIS A 127 41.97 40.76 57.86
N LEU A 128 41.45 40.33 59.00
CA LEU A 128 40.03 40.42 59.30
C LEU A 128 39.80 41.20 60.58
N GLY A 129 38.61 41.78 60.72
CA GLY A 129 38.24 42.51 61.91
C GLY A 129 37.66 41.59 62.97
N ARG A 130 37.04 42.18 63.99
CA ARG A 130 36.43 41.40 65.07
C ARG A 130 34.98 41.07 64.72
N ALA A 131 34.46 41.74 63.69
CA ALA A 131 33.07 41.58 63.30
C ALA A 131 32.81 40.26 62.62
N ASN A 132 31.71 39.63 62.97
CA ASN A 132 31.30 38.38 62.33
C ASN A 132 30.67 38.65 60.98
N LEU A 133 31.39 38.34 59.91
CA LEU A 133 30.85 38.44 58.57
C LEU A 133 30.45 37.06 58.05
N ARG A 134 29.55 37.03 57.08
CA ARG A 134 29.21 35.79 56.39
C ARG A 134 30.40 35.31 55.57
N LYS A 135 30.36 34.05 55.17
CA LYS A 135 31.47 33.43 54.45
C LYS A 135 31.74 34.10 53.09
N ASP A 136 30.68 34.40 52.35
CA ASP A 136 30.80 35.06 51.05
C ASP A 136 31.33 36.48 51.19
N ALA A 137 31.00 37.12 52.31
CA ALA A 137 31.49 38.45 52.63
C ALA A 137 32.99 38.43 52.84
N LEU A 138 33.46 37.45 53.60
CA LEU A 138 34.90 37.24 53.80
C LEU A 138 35.59 37.06 52.47
N LEU A 139 34.98 36.28 51.58
CA LEU A 139 35.55 35.98 50.28
C LEU A 139 35.72 37.26 49.48
N GLU A 140 34.74 38.15 49.60
CA GLU A 140 34.77 39.42 48.89
C GLU A 140 35.85 40.35 49.44
N ARG A 141 35.97 40.41 50.77
CA ARG A 141 36.97 41.27 51.41
C ARG A 141 38.38 40.80 51.08
N LEU A 142 38.59 39.49 51.10
CA LEU A 142 39.92 38.91 50.97
C LEU A 142 40.34 38.67 49.51
N GLN A 143 39.37 38.59 48.62
CA GLN A 143 39.65 38.33 47.19
C GLN A 143 40.72 39.25 46.57
N PRO A 144 40.64 40.58 46.80
CA PRO A 144 41.67 41.45 46.22
C PRO A 144 43.03 41.29 46.90
N LEU A 145 43.04 41.01 48.20
CA LEU A 145 44.31 40.80 48.91
C LEU A 145 45.06 39.55 48.46
N PHE A 146 44.34 38.61 47.86
CA PHE A 146 44.97 37.38 47.39
C PHE A 146 44.43 36.94 46.03
N PRO A 147 44.71 37.72 44.97
CA PRO A 147 44.11 37.44 43.65
C PRO A 147 44.72 36.23 42.96
N GLU A 148 45.98 35.93 43.28
CA GLU A 148 46.70 34.84 42.63
C GLU A 148 46.37 33.48 43.24
N ALA A 149 46.41 32.45 42.39
CA ALA A 149 46.21 31.08 42.86
C ALA A 149 47.53 30.52 43.38
N ARG A 150 47.44 29.49 44.22
CA ARG A 150 48.63 28.88 44.80
C ARG A 150 48.31 27.52 45.40
N ARG A 151 49.35 26.73 45.66
CA ARG A 151 49.20 25.41 46.27
C ARG A 151 48.63 25.54 47.67
N LEU A 152 48.03 24.46 48.17
CA LEU A 152 47.47 24.45 49.52
C LEU A 152 48.57 24.71 50.53
N ALA A 153 49.75 24.18 50.23
CA ALA A 153 50.90 24.34 51.12
C ALA A 153 51.31 25.81 51.19
N GLU A 154 51.05 26.54 50.11
CA GLU A 154 51.36 27.96 50.05
C GLU A 154 50.27 28.80 50.72
N TRP A 155 49.06 28.27 50.78
CA TRP A 155 47.97 28.93 51.50
C TRP A 155 48.19 28.72 53.00
N GLN A 156 48.26 27.46 53.39
CA GLN A 156 48.47 27.07 54.77
C GLN A 156 49.44 25.89 54.84
N ALA A 157 50.66 26.16 55.26
CA ALA A 157 51.68 25.11 55.40
C ALA A 157 51.30 24.12 56.51
N ASP A 158 50.45 24.57 57.43
CA ASP A 158 50.07 23.77 58.59
C ASP A 158 48.98 22.75 58.24
N PHE A 159 48.46 22.82 57.02
CA PHE A 159 47.38 21.94 56.58
C PHE A 159 47.87 20.50 56.47
N ALA A 160 47.17 19.59 57.13
CA ALA A 160 47.60 18.20 57.23
C ALA A 160 46.78 17.26 56.36
N GLU A 161 45.68 17.76 55.82
CA GLU A 161 44.86 16.97 54.91
C GLU A 161 45.32 17.16 53.47
N PRO A 162 45.47 16.05 52.73
CA PRO A 162 45.68 16.22 51.30
C PRO A 162 44.36 16.58 50.62
N VAL A 163 44.42 17.45 49.61
CA VAL A 163 43.27 17.77 48.78
C VAL A 163 43.50 17.29 47.35
N TYR A 164 42.63 16.38 46.89
CA TYR A 164 42.80 15.76 45.57
C TYR A 164 41.97 16.46 44.48
N GLU A 165 42.61 16.76 43.36
CA GLU A 165 41.93 17.39 42.23
C GLU A 165 41.71 16.41 41.10
N LEU A 166 40.46 16.28 40.68
CA LEU A 166 40.12 15.38 39.59
C LEU A 166 40.47 16.04 38.27
N ARG A 167 41.28 15.37 37.45
CA ARG A 167 41.84 16.02 36.28
C ARG A 167 41.33 15.43 34.97
N CYS A 168 40.39 14.50 35.06
CA CYS A 168 39.86 13.84 33.88
C CYS A 168 38.33 14.03 33.75
N MET A 169 37.84 15.17 34.21
CA MET A 169 36.41 15.44 34.22
C MET A 169 35.84 15.73 32.83
N ALA A 170 36.60 16.42 32.00
CA ALA A 170 36.18 16.75 30.64
C ALA A 170 35.92 15.51 29.79
N LEU A 171 36.82 14.53 29.90
CA LEU A 171 36.70 13.28 29.15
C LEU A 171 35.44 12.54 29.57
N CYS A 172 35.15 12.60 30.87
CA CYS A 172 33.99 11.90 31.42
C CYS A 172 32.68 12.53 30.96
N ASP A 173 32.66 13.86 30.84
CA ASP A 173 31.47 14.54 30.35
C ASP A 173 31.16 14.14 28.91
N ARG A 174 32.21 14.05 28.10
CA ARG A 174 32.05 13.62 26.72
C ARG A 174 31.52 12.20 26.65
N LEU A 175 32.01 11.34 27.54
CA LEU A 175 31.53 9.97 27.65
C LEU A 175 30.05 9.96 27.97
N ARG A 176 29.66 10.80 28.92
CA ARG A 176 28.26 10.91 29.35
C ARG A 176 27.40 11.51 28.25
N LEU A 177 27.94 12.52 27.56
CA LEU A 177 27.24 13.20 26.49
C LEU A 177 27.00 12.28 25.30
N MET A 178 27.84 11.25 25.19
CA MET A 178 27.70 10.26 24.13
C MET A 178 26.70 9.17 24.50
N TYR A 179 26.62 8.86 25.80
CA TYR A 179 25.67 7.87 26.28
C TYR A 179 24.22 8.36 26.15
N PHE A 180 23.77 9.21 27.07
CA PHE A 180 22.54 9.96 26.86
C PHE A 180 22.84 10.97 25.77
N GLY A 181 21.87 11.31 24.94
CA GLY A 181 22.12 12.28 23.88
C GLY A 181 22.24 13.71 24.35
N ASN A 182 22.67 13.89 25.60
CA ASN A 182 22.71 15.21 26.23
C ASN A 182 23.64 15.24 27.45
N LEU A 183 23.58 16.33 28.22
CA LEU A 183 24.39 16.46 29.44
C LEU A 183 23.55 16.76 30.67
N TRP A 184 22.23 16.88 30.49
CA TRP A 184 21.36 17.18 31.61
C TRP A 184 21.05 15.94 32.43
N GLN A 185 21.12 14.77 31.80
CA GLN A 185 21.01 13.50 32.50
C GLN A 185 22.37 13.12 33.05
N ASP A 186 22.40 12.55 34.26
CA ASP A 186 23.67 12.08 34.81
C ASP A 186 23.57 10.63 35.28
N TRP A 187 24.57 10.18 36.03
CA TRP A 187 24.68 8.77 36.38
C TRP A 187 23.65 8.30 37.40
N SER A 188 22.80 9.21 37.87
CA SER A 188 21.80 8.85 38.88
C SER A 188 20.56 8.23 38.23
N GLU A 189 20.50 8.26 36.90
CA GLU A 189 19.40 7.64 36.17
C GLU A 189 19.40 6.14 36.43
N PHE A 190 20.59 5.55 36.41
CA PHE A 190 20.76 4.12 36.65
C PHE A 190 20.19 3.70 38.00
N VAL A 191 20.53 4.45 39.04
CA VAL A 191 20.03 4.16 40.38
C VAL A 191 18.52 4.33 40.43
N LEU A 192 18.06 5.50 40.00
CA LEU A 192 16.64 5.85 40.07
C LEU A 192 15.76 4.90 39.27
N ALA A 193 16.33 4.33 38.22
CA ALA A 193 15.64 3.34 37.40
C ALA A 193 15.63 1.98 38.11
N ASP A 194 16.76 1.63 38.72
CA ASP A 194 16.88 0.37 39.45
C ASP A 194 15.98 0.36 40.69
N LEU A 195 15.82 1.53 41.30
CA LEU A 195 15.00 1.65 42.51
C LEU A 195 13.51 1.77 42.18
N GLY A 196 13.17 1.73 40.89
CA GLY A 196 11.78 1.78 40.49
C GLY A 196 11.14 3.14 40.68
N ILE A 197 11.97 4.14 40.98
CA ILE A 197 11.54 5.52 41.09
C ILE A 197 11.29 6.10 39.69
N TYR A 198 12.06 5.65 38.71
CA TYR A 198 11.82 5.99 37.32
C TYR A 198 11.66 4.73 36.45
N ARG A 199 10.47 4.53 35.91
CA ARG A 199 10.21 3.40 35.02
C ARG A 199 9.98 3.89 33.60
N TYR A 200 10.87 3.51 32.69
CA TYR A 200 10.76 3.94 31.31
C TYR A 200 10.18 2.84 30.44
N GLU A 201 9.55 3.23 29.34
CA GLU A 201 9.12 2.27 28.34
C GLU A 201 10.36 1.66 27.72
N SER A 202 10.32 0.35 27.47
CA SER A 202 11.46 -0.34 26.88
C SER A 202 11.27 -0.50 25.38
N VAL A 203 11.90 0.37 24.61
CA VAL A 203 11.85 0.27 23.16
C VAL A 203 12.98 -0.61 22.66
N GLU A 204 12.63 -1.64 21.90
CA GLU A 204 13.64 -2.53 21.33
C GLU A 204 14.26 -1.91 20.08
N PHE A 205 15.35 -1.18 20.27
CA PHE A 205 16.04 -0.53 19.16
C PHE A 205 17.24 -1.32 18.67
N SER A 206 17.77 -0.93 17.52
CA SER A 206 18.85 -1.68 16.86
C SER A 206 20.13 -1.71 17.69
N ALA A 207 21.05 -2.60 17.30
CA ALA A 207 22.34 -2.68 17.98
C ALA A 207 23.23 -1.51 17.56
N ASP A 208 22.86 -0.86 16.46
CA ASP A 208 23.62 0.27 15.96
C ASP A 208 22.81 1.57 15.96
N SER A 209 21.97 1.74 16.99
CA SER A 209 21.26 2.99 17.20
C SER A 209 22.19 3.99 17.87
N ARG A 210 22.13 5.24 17.42
CA ARG A 210 23.14 6.23 17.78
C ARG A 210 22.57 7.51 18.36
N GLY A 211 23.28 8.09 19.32
CA GLY A 211 23.01 9.44 19.77
C GLY A 211 23.66 10.39 18.78
N PHE A 212 24.98 10.39 18.75
CA PHE A 212 25.72 11.08 17.71
C PHE A 212 26.23 10.06 16.71
N ARG A 213 26.29 10.43 15.43
CA ARG A 213 26.75 9.53 14.40
C ARG A 213 28.21 9.78 14.07
N LEU A 214 28.68 10.98 14.41
CA LEU A 214 30.03 11.40 14.04
C LEU A 214 30.61 12.34 15.10
N ARG A 215 31.89 12.17 15.41
CA ARG A 215 32.53 12.91 16.50
C ARG A 215 32.46 14.42 16.35
N ALA A 216 32.61 14.91 15.12
CA ALA A 216 32.60 16.36 14.89
C ALA A 216 31.35 17.05 15.42
N ASP A 217 30.25 16.31 15.53
CA ASP A 217 29.01 16.86 16.07
C ASP A 217 29.01 16.92 17.59
N VAL A 218 29.77 16.01 18.20
CA VAL A 218 29.92 16.00 19.65
C VAL A 218 30.67 17.25 20.12
N ASP A 219 31.70 17.62 19.37
CA ASP A 219 32.49 18.80 19.70
C ASP A 219 31.64 20.06 19.56
N ALA A 220 30.71 20.04 18.60
CA ALA A 220 29.82 21.18 18.36
C ALA A 220 28.85 21.35 19.52
N TYR A 221 28.38 20.23 20.07
CA TYR A 221 27.49 20.23 21.21
C TYR A 221 28.19 20.84 22.42
N LEU A 222 29.40 20.37 22.69
CA LEU A 222 30.18 20.86 23.82
C LEU A 222 30.50 22.34 23.69
N HIS A 223 30.66 22.82 22.46
CA HIS A 223 31.02 24.21 22.22
C HIS A 223 29.86 25.13 22.53
N LEU A 224 28.68 24.76 22.03
CA LEU A 224 27.46 25.51 22.27
C LEU A 224 27.13 25.48 23.76
N PHE A 225 27.46 24.36 24.39
CA PHE A 225 27.25 24.17 25.82
C PHE A 225 28.08 25.15 26.63
N ASP A 226 29.33 25.33 26.23
CA ASP A 226 30.25 26.23 26.93
C ASP A 226 29.99 27.68 26.55
N CYS A 227 29.47 27.90 25.35
CA CYS A 227 29.08 29.25 24.95
C CYS A 227 27.96 29.72 25.86
N ARG A 228 27.01 28.83 26.12
CA ARG A 228 25.90 29.12 27.02
C ARG A 228 26.42 29.28 28.45
N GLN A 229 27.43 28.49 28.79
CA GLN A 229 28.02 28.51 30.12
C GLN A 229 28.64 29.86 30.45
N ARG A 230 29.50 30.35 29.55
CA ARG A 230 30.16 31.63 29.74
C ARG A 230 29.15 32.79 29.69
N PHE A 231 28.03 32.58 29.00
CA PHE A 231 26.98 33.58 28.92
C PHE A 231 26.30 33.78 30.26
N ASP A 232 26.07 32.67 30.96
CA ASP A 232 25.49 32.71 32.30
C ASP A 232 26.52 33.21 33.31
N LEU A 233 27.77 33.31 32.89
CA LEU A 233 28.84 33.80 33.76
C LEU A 233 29.13 35.28 33.51
N GLY A 234 28.24 35.94 32.79
CA GLY A 234 28.32 37.38 32.58
C GLY A 234 29.45 37.81 31.67
N GLU A 235 29.94 36.90 30.85
CA GLU A 235 31.00 37.22 29.89
C GLU A 235 30.42 38.08 28.78
N PRO A 236 31.14 39.15 28.40
CA PRO A 236 30.71 40.08 27.34
C PRO A 236 30.29 39.39 26.06
N LEU A 237 29.10 39.71 25.56
CA LEU A 237 28.55 39.11 24.36
C LEU A 237 29.42 39.31 23.13
N GLU A 238 30.09 40.47 23.09
CA GLU A 238 30.91 40.86 21.93
C GLU A 238 31.94 39.78 21.59
N GLU A 239 32.62 39.28 22.62
CA GLU A 239 33.58 38.20 22.47
C GLU A 239 32.85 36.89 22.22
N LEU A 240 31.80 36.68 23.01
CA LEU A 240 31.01 35.47 22.99
C LEU A 240 30.46 35.15 21.60
N LEU A 241 29.99 36.19 20.90
CA LEU A 241 29.43 36.02 19.57
C LEU A 241 30.45 35.51 18.56
N ALA A 242 31.69 35.97 18.70
CA ALA A 242 32.76 35.55 17.80
C ALA A 242 33.06 34.06 17.95
N GLY A 243 32.60 33.48 19.05
CA GLY A 243 32.74 32.05 19.29
C GLY A 243 31.75 31.24 18.47
N LEU A 244 30.54 31.75 18.34
CA LEU A 244 29.51 31.11 17.52
C LEU A 244 29.87 31.08 16.05
N PRO A 245 29.50 29.98 15.36
CA PRO A 245 29.78 29.81 13.92
C PRO A 245 28.97 30.79 13.06
N GLY A 246 29.53 31.16 11.92
CA GLY A 246 28.85 32.04 10.98
C GLY A 246 27.73 31.32 10.26
N GLU A 247 28.10 30.34 9.43
CA GLU A 247 27.13 29.54 8.71
C GLU A 247 26.46 28.53 9.64
N PRO A 248 25.19 28.21 9.36
CA PRO A 248 24.41 27.25 10.16
C PRO A 248 25.06 25.87 10.22
N TYR A 249 24.76 25.12 11.27
CA TYR A 249 25.20 23.74 11.38
C TYR A 249 24.44 22.86 10.39
N ALA A 250 25.13 21.86 9.84
CA ALA A 250 24.51 20.91 8.93
C ALA A 250 23.57 19.98 9.67
N ASN A 251 23.82 19.79 10.96
CA ASN A 251 23.02 18.88 11.76
C ASN A 251 21.80 19.55 12.36
N PRO A 252 20.63 18.92 12.20
CA PRO A 252 19.33 19.42 12.67
C PRO A 252 19.31 19.84 14.14
N TRP A 253 19.63 18.93 15.05
CA TRP A 253 19.67 19.23 16.49
C TRP A 253 20.55 20.44 16.74
N LEU A 254 21.78 20.36 16.24
CA LEU A 254 22.80 21.36 16.51
C LEU A 254 22.43 22.75 15.99
N GLU A 255 21.72 22.80 14.88
CA GLU A 255 21.31 24.08 14.32
C GLU A 255 20.28 24.76 15.19
N GLY A 256 19.28 23.99 15.63
CA GLY A 256 18.27 24.50 16.52
C GLY A 256 18.84 25.01 17.83
N ARG A 257 19.94 24.41 18.28
CA ARG A 257 20.58 24.83 19.52
C ARG A 257 21.40 26.10 19.31
N ARG A 258 22.11 26.16 18.18
CA ARG A 258 22.90 27.34 17.82
C ARG A 258 21.98 28.53 17.65
N VAL A 259 20.78 28.23 17.15
CA VAL A 259 19.80 29.24 16.82
C VAL A 259 18.98 29.63 18.05
N LYS A 260 18.82 28.69 18.98
CA LYS A 260 18.15 28.95 20.24
C LYS A 260 19.06 29.80 21.12
N LEU A 261 20.36 29.60 20.96
CA LEU A 261 21.35 30.35 21.74
C LEU A 261 21.39 31.80 21.26
N LEU A 262 21.34 31.98 19.95
CA LEU A 262 21.29 33.30 19.33
C LEU A 262 20.04 34.05 19.78
N PHE A 263 18.94 33.31 19.91
CA PHE A 263 17.66 33.89 20.33
C PHE A 263 17.76 34.46 21.75
N GLN A 264 18.50 33.77 22.61
CA GLN A 264 18.61 34.19 24.00
C GLN A 264 19.55 35.37 24.17
N PHE A 265 20.58 35.42 23.32
CA PHE A 265 21.51 36.55 23.34
C PHE A 265 20.76 37.83 23.00
N ALA A 266 19.80 37.71 22.07
CA ALA A 266 19.00 38.84 21.64
C ALA A 266 17.98 39.21 22.71
N GLN A 267 17.52 38.21 23.45
CA GLN A 267 16.63 38.45 24.59
C GLN A 267 17.33 39.27 25.65
N HIS A 268 18.58 38.92 25.94
CA HIS A 268 19.38 39.65 26.91
C HIS A 268 19.69 41.06 26.42
N CYS A 269 20.04 41.17 25.14
CA CYS A 269 20.30 42.47 24.52
C CYS A 269 19.07 43.37 24.58
N GLU A 270 17.90 42.78 24.33
CA GLU A 270 16.67 43.54 24.30
C GLU A 270 16.28 44.02 25.69
N LYS A 271 16.49 43.17 26.69
CA LYS A 271 16.18 43.53 28.07
C LYS A 271 17.13 44.62 28.59
N GLN A 272 18.36 44.61 28.10
CA GLN A 272 19.34 45.64 28.48
C GLN A 272 19.23 46.88 27.60
N ARG A 273 18.07 47.03 26.96
CA ARG A 273 17.71 48.22 26.20
C ARG A 273 18.57 48.46 24.95
N ASP A 274 19.28 47.42 24.51
CA ASP A 274 20.04 47.53 23.28
C ASP A 274 19.27 46.87 22.16
N PHE A 275 18.29 47.59 21.62
CA PHE A 275 17.36 47.00 20.66
C PHE A 275 17.99 46.86 19.28
N ASP A 276 19.01 47.66 19.01
CA ASP A 276 19.64 47.64 17.70
C ASP A 276 20.45 46.37 17.47
N LEU A 277 21.09 45.89 18.53
CA LEU A 277 21.82 44.63 18.46
C LEU A 277 20.84 43.47 18.55
N ALA A 278 19.85 43.60 19.44
CA ALA A 278 18.84 42.57 19.66
C ALA A 278 18.14 42.23 18.34
N GLN A 279 17.81 43.26 17.58
CA GLN A 279 17.20 43.08 16.27
C GLN A 279 18.10 42.27 15.35
N ARG A 280 19.33 42.75 15.16
CA ARG A 280 20.29 42.08 14.29
C ARG A 280 20.52 40.62 14.68
N LEU A 281 20.41 40.33 15.97
CA LEU A 281 20.60 38.96 16.46
C LEU A 281 19.37 38.08 16.21
N TYR A 282 18.18 38.63 16.47
CA TYR A 282 16.93 37.91 16.28
C TYR A 282 16.77 37.43 14.85
N ARG A 283 17.33 38.20 13.92
CA ARG A 283 17.19 37.91 12.50
C ARG A 283 18.20 36.88 12.02
N GLN A 284 19.23 36.63 12.82
CA GLN A 284 20.19 35.58 12.51
C GLN A 284 19.64 34.24 12.99
N SER A 285 18.59 34.33 13.81
CA SER A 285 17.97 33.15 14.41
C SER A 285 16.73 32.69 13.67
N SER A 286 16.52 31.38 13.63
CA SER A 286 15.34 30.81 13.01
C SER A 286 14.48 30.15 14.09
N HIS A 287 14.82 30.46 15.34
CA HIS A 287 14.06 29.97 16.48
C HIS A 287 12.63 30.51 16.40
N PRO A 288 11.65 29.66 16.74
CA PRO A 288 10.24 30.06 16.72
C PRO A 288 9.99 31.31 17.56
N GLY A 289 9.54 32.38 16.91
CA GLY A 289 9.25 33.62 17.60
C GLY A 289 10.34 34.66 17.50
N ALA A 290 11.46 34.29 16.90
CA ALA A 290 12.58 35.23 16.74
C ALA A 290 12.23 36.38 15.82
N ARG A 291 11.62 36.06 14.67
CA ARG A 291 11.33 37.07 13.67
C ARG A 291 10.33 38.10 14.22
N LEU A 292 9.38 37.62 15.01
CA LEU A 292 8.42 38.50 15.67
C LEU A 292 9.10 39.40 16.70
N ARG A 293 10.10 38.88 17.39
CA ARG A 293 10.85 39.68 18.36
C ARG A 293 11.71 40.71 17.64
N ALA A 294 12.12 40.36 16.42
CA ALA A 294 12.94 41.26 15.62
C ALA A 294 12.15 42.51 15.25
N ILE A 295 10.88 42.32 14.94
CA ILE A 295 9.99 43.43 14.59
C ILE A 295 9.74 44.35 15.78
N ARG A 296 9.43 43.75 16.93
CA ARG A 296 9.11 44.53 18.12
C ARG A 296 10.36 45.24 18.65
N SER A 297 11.52 44.69 18.35
CA SER A 297 12.79 45.33 18.71
C SER A 297 13.06 46.52 17.80
N LEU A 298 12.75 46.35 16.52
CA LEU A 298 12.85 47.44 15.56
C LEU A 298 11.88 48.57 15.91
N GLU A 299 10.76 48.22 16.55
CA GLU A 299 9.76 49.20 16.95
C GLU A 299 10.24 50.00 18.15
N ARG A 300 10.80 49.30 19.13
CA ARG A 300 11.32 49.92 20.34
C ARG A 300 12.59 50.73 20.05
N GLY A 301 13.22 50.46 18.92
CA GLY A 301 14.37 51.23 18.49
C GLY A 301 13.91 52.40 17.64
N GLU A 302 12.60 52.54 17.52
CA GLU A 302 11.97 53.58 16.71
C GLU A 302 12.45 53.56 15.27
N ARG A 303 12.67 52.35 14.75
CA ARG A 303 13.00 52.16 13.35
C ARG A 303 11.76 51.60 12.64
N PHE A 304 10.71 52.40 12.60
CA PHE A 304 9.38 51.94 12.18
C PHE A 304 9.29 51.45 10.75
N ALA A 305 9.92 52.17 9.83
CA ALA A 305 9.87 51.79 8.43
C ALA A 305 10.45 50.39 8.21
N GLU A 306 11.54 50.09 8.91
CA GLU A 306 12.17 48.78 8.79
C GLU A 306 11.30 47.71 9.44
N ALA A 307 10.72 48.07 10.58
CA ALA A 307 9.86 47.17 11.33
C ALA A 307 8.60 46.83 10.53
N HIS A 308 8.12 47.80 9.76
CA HIS A 308 6.93 47.64 8.95
C HIS A 308 7.21 46.77 7.73
N ALA A 309 8.42 46.92 7.19
CA ALA A 309 8.82 46.15 6.03
C ALA A 309 8.92 44.67 6.39
N LEU A 310 9.49 44.39 7.57
CA LEU A 310 9.65 43.01 8.01
C LEU A 310 8.29 42.41 8.41
N ALA A 311 7.44 43.25 9.00
CA ALA A 311 6.11 42.82 9.42
C ALA A 311 5.25 42.42 8.22
N ARG A 312 5.35 43.21 7.15
CA ARG A 312 4.61 42.91 5.93
C ARG A 312 5.16 41.65 5.29
N GLU A 313 6.48 41.48 5.38
CA GLU A 313 7.14 40.28 4.87
C GLU A 313 6.69 39.06 5.65
N ALA A 314 6.55 39.25 6.97
CA ALA A 314 6.11 38.19 7.87
C ALA A 314 4.67 37.80 7.61
N SER A 315 3.79 38.80 7.56
CA SER A 315 2.36 38.55 7.41
C SER A 315 2.00 37.88 6.08
N CYS A 316 2.90 37.97 5.11
CA CYS A 316 2.69 37.30 3.83
C CYS A 316 2.93 35.81 3.95
N ALA A 317 3.88 35.43 4.79
CA ALA A 317 4.19 34.02 5.01
C ALA A 317 4.57 33.78 6.46
N PRO A 318 3.56 33.79 7.35
CA PRO A 318 3.78 33.65 8.79
C PRO A 318 4.29 32.25 9.17
N GLU A 319 5.09 32.17 10.23
CA GLU A 319 5.65 30.89 10.64
C GLU A 319 4.69 30.05 11.48
N SER A 320 3.66 30.69 12.02
CA SER A 320 2.67 29.98 12.84
C SER A 320 1.43 30.83 13.07
N ASP A 321 0.38 30.22 13.61
CA ASP A 321 -0.80 30.98 14.01
C ASP A 321 -0.47 31.85 15.20
N ALA A 322 0.59 31.49 15.92
CA ALA A 322 1.06 32.28 17.04
C ALA A 322 1.63 33.60 16.54
N GLU A 323 2.37 33.54 15.44
CA GLU A 323 2.96 34.74 14.84
C GLU A 323 1.87 35.59 14.20
N ARG A 324 0.84 34.93 13.69
CA ARG A 324 -0.25 35.61 13.01
C ARG A 324 -0.98 36.58 13.93
N GLN A 325 -1.19 36.17 15.18
CA GLN A 325 -1.91 36.98 16.15
C GLN A 325 -0.98 37.98 16.83
N GLY A 326 0.32 37.73 16.73
CA GLY A 326 1.31 38.70 17.19
C GLY A 326 1.42 39.83 16.20
N LEU A 327 1.44 39.48 14.91
CA LEU A 327 1.44 40.46 13.83
C LEU A 327 0.16 41.27 13.83
N ALA A 328 -0.94 40.63 14.25
CA ALA A 328 -2.25 41.27 14.21
C ALA A 328 -2.30 42.51 15.10
N ARG A 329 -1.45 42.57 16.11
CA ARG A 329 -1.35 43.75 16.95
C ARG A 329 -0.21 44.66 16.49
N LEU A 330 0.89 44.05 16.07
CA LEU A 330 2.06 44.80 15.62
C LEU A 330 1.80 45.66 14.39
N LEU A 331 1.14 45.07 13.39
CA LEU A 331 0.91 45.76 12.12
C LEU A 331 0.11 47.07 12.22
N PRO A 332 -1.06 47.05 12.88
CA PRO A 332 -1.84 48.29 12.95
C PRO A 332 -1.09 49.38 13.70
N ARG A 333 -0.41 49.00 14.76
CA ARG A 333 0.38 49.94 15.55
C ARG A 333 1.52 50.51 14.70
N LEU A 334 2.12 49.66 13.88
CA LEU A 334 3.19 50.08 12.99
C LEU A 334 2.69 51.00 11.90
N GLN A 335 1.52 50.68 11.34
CA GLN A 335 0.94 51.50 10.29
C GLN A 335 0.57 52.87 10.80
N GLY A 336 0.32 52.95 12.11
CA GLY A 336 -0.02 54.21 12.75
C GLY A 336 1.20 55.10 12.92
N LYS A 337 2.33 54.51 13.30
CA LYS A 337 3.55 55.28 13.47
C LYS A 337 4.10 55.77 12.12
N LEU A 338 3.74 55.06 11.05
CA LEU A 338 3.97 55.57 9.72
C LEU A 338 2.74 56.36 9.30
N GLY A 339 2.71 56.81 8.05
CA GLY A 339 1.61 57.63 7.59
C GLY A 339 0.33 56.85 7.32
N LEU A 340 0.46 55.53 7.20
CA LEU A 340 -0.65 54.70 6.75
C LEU A 340 -1.88 54.71 7.67
N PRO A 341 -3.07 54.50 7.09
CA PRO A 341 -4.29 54.31 7.89
C PRO A 341 -4.42 52.85 8.31
N ARG A 342 -4.99 52.58 9.47
CA ARG A 342 -5.19 51.20 9.91
C ARG A 342 -6.38 50.58 9.18
N GLN A 343 -6.26 49.30 8.87
CA GLN A 343 -7.34 48.58 8.20
C GLN A 343 -8.26 47.89 9.21
N ALA A 344 -9.53 47.80 8.87
CA ALA A 344 -10.53 47.21 9.76
C ALA A 344 -10.18 45.78 10.17
N ARG A 345 -9.72 45.62 11.40
CA ARG A 345 -9.34 44.32 11.91
C ARG A 345 -10.52 43.65 12.60
N ALA A 346 -11.57 43.35 11.82
CA ALA A 346 -12.77 42.72 12.35
C ALA A 346 -12.44 41.38 13.00
N ALA A 347 -12.95 41.18 14.22
CA ALA A 347 -12.56 40.03 15.03
C ALA A 347 -13.20 38.71 14.58
N ALA A 348 -12.89 37.64 15.31
CA ALA A 348 -13.43 36.30 15.03
C ALA A 348 -14.60 36.02 15.97
N PRO A 349 -15.45 35.03 15.63
CA PRO A 349 -16.56 34.62 16.49
C PRO A 349 -16.16 34.45 17.96
N GLU A 350 -17.08 34.77 18.87
CA GLU A 350 -16.77 34.76 20.30
C GLU A 350 -17.24 33.51 21.04
N ILE A 351 -16.32 32.90 21.77
CA ILE A 351 -16.64 31.76 22.61
C ILE A 351 -17.56 32.19 23.75
N ASP A 352 -18.30 31.23 24.29
CA ASP A 352 -19.29 31.52 25.33
C ASP A 352 -18.65 32.09 26.60
N ARG A 353 -19.34 33.02 27.22
CA ARG A 353 -18.84 33.67 28.43
C ARG A 353 -19.68 33.29 29.64
N LEU A 354 -19.05 33.22 30.80
CA LEU A 354 -19.71 32.86 32.05
C LEU A 354 -19.08 33.67 33.19
N ASP A 355 -19.91 34.43 33.90
CA ASP A 355 -19.39 35.36 34.91
C ASP A 355 -19.76 34.97 36.35
N LEU A 356 -18.84 35.19 37.26
CA LEU A 356 -19.06 34.98 38.68
C LEU A 356 -18.70 36.23 39.48
N CYS A 357 -19.11 36.29 40.75
CA CYS A 357 -19.12 37.54 41.51
C CYS A 357 -17.86 37.85 42.32
N LEU A 358 -16.70 37.37 41.86
CA LEU A 358 -15.46 37.48 42.63
C LEU A 358 -15.68 36.96 44.04
N ALA A 359 -16.34 35.80 44.13
CA ALA A 359 -16.80 35.24 45.41
C ALA A 359 -15.74 35.28 46.51
N PHE A 360 -16.13 35.85 47.65
CA PHE A 360 -15.21 36.10 48.75
C PHE A 360 -14.62 34.80 49.28
N PRO A 361 -13.30 34.61 49.09
CA PRO A 361 -12.59 33.35 49.36
C PRO A 361 -12.51 33.00 50.84
N SER A 362 -12.73 31.72 51.15
CA SER A 362 -12.77 31.24 52.53
C SER A 362 -11.42 31.38 53.22
N GLU A 363 -10.39 30.74 52.67
CA GLU A 363 -9.05 30.77 53.23
C GLU A 363 -8.05 31.06 52.12
N PRO A 364 -6.74 31.05 52.44
CA PRO A 364 -5.78 31.04 51.33
C PRO A 364 -6.05 29.86 50.37
N CYS A 365 -6.37 30.20 49.13
CA CYS A 365 -6.71 29.23 48.10
C CYS A 365 -6.64 29.90 46.73
N SER A 366 -6.74 29.10 45.66
CA SER A 366 -6.66 29.64 44.32
C SER A 366 -8.03 29.80 43.66
N VAL A 367 -8.07 30.63 42.61
CA VAL A 367 -9.31 30.91 41.90
C VAL A 367 -9.86 29.67 41.23
N GLU A 368 -9.01 28.98 40.48
CA GLU A 368 -9.40 27.78 39.72
C GLU A 368 -10.06 26.71 40.60
N TRP A 369 -9.45 26.43 41.75
CA TRP A 369 -9.96 25.40 42.66
C TRP A 369 -11.34 25.74 43.21
N ALA A 370 -11.60 27.03 43.40
CA ALA A 370 -12.87 27.48 43.94
C ALA A 370 -14.00 27.27 42.95
N VAL A 371 -13.76 27.64 41.68
CA VAL A 371 -14.76 27.49 40.62
C VAL A 371 -15.21 26.03 40.48
N ARG A 372 -14.27 25.10 40.60
CA ARG A 372 -14.59 23.69 40.49
C ARG A 372 -15.48 23.23 41.64
N GLU A 373 -15.23 23.78 42.83
CA GLU A 373 -16.04 23.52 44.01
C GLU A 373 -17.44 24.08 43.82
N HIS A 374 -17.52 25.22 43.14
CA HIS A 374 -18.79 25.90 42.93
C HIS A 374 -19.62 25.23 41.84
N LEU A 375 -18.95 24.78 40.79
CA LEU A 375 -19.62 24.11 39.67
C LEU A 375 -20.01 22.67 40.02
N GLU A 376 -19.80 22.30 41.28
CA GLU A 376 -20.23 21.00 41.77
C GLU A 376 -21.75 20.94 41.83
N GLU A 377 -22.31 19.81 41.40
CA GLU A 377 -23.75 19.61 41.33
C GLU A 377 -24.01 18.12 41.24
N PRO A 378 -25.18 17.66 41.71
CA PRO A 378 -25.56 16.25 41.67
C PRO A 378 -25.20 15.52 40.38
N GLY A 379 -25.77 15.97 39.26
CA GLY A 379 -25.52 15.32 37.99
C GLY A 379 -24.20 15.71 37.33
N CYS A 380 -23.56 16.75 37.84
CA CYS A 380 -22.36 17.29 37.20
C CYS A 380 -21.07 17.13 38.03
N ALA A 381 -20.10 16.42 37.47
CA ALA A 381 -18.78 16.32 38.09
C ALA A 381 -17.78 17.19 37.34
N VAL A 382 -16.96 17.92 38.08
CA VAL A 382 -16.00 18.86 37.49
C VAL A 382 -14.57 18.54 37.91
N HIS A 383 -13.66 18.59 36.96
CA HIS A 383 -12.25 18.26 37.22
C HIS A 383 -11.32 19.41 36.84
N TYR A 384 -10.10 19.35 37.35
CA TYR A 384 -9.07 20.36 37.05
C TYR A 384 -7.92 19.63 36.36
N VAL A 385 -7.79 19.82 35.05
CA VAL A 385 -6.86 19.03 34.25
C VAL A 385 -6.25 19.80 33.07
N GLU A 386 -5.79 21.02 33.30
CA GLU A 386 -5.26 21.84 32.21
C GLU A 386 -4.14 21.11 31.45
N ASN A 387 -4.40 20.83 30.17
CA ASN A 387 -3.50 20.06 29.31
C ASN A 387 -3.38 18.58 29.69
N GLY A 388 -3.61 18.27 30.95
CA GLY A 388 -3.44 16.92 31.46
C GLY A 388 -4.34 15.89 30.81
N LEU A 389 -5.62 16.22 30.64
CA LEU A 389 -6.60 15.24 30.18
C LEU A 389 -6.42 14.84 28.72
N ILE A 390 -6.31 15.83 27.84
CA ILE A 390 -6.27 15.56 26.40
C ILE A 390 -4.91 15.02 25.94
N ASN A 391 -3.84 15.53 26.53
CA ASN A 391 -2.50 15.01 26.24
C ASN A 391 -2.36 13.54 26.66
N SER A 392 -2.97 13.19 27.79
CA SER A 392 -2.96 11.81 28.26
C SER A 392 -3.77 10.88 27.35
N LEU A 393 -4.94 11.34 26.93
CA LEU A 393 -5.79 10.53 26.07
C LEU A 393 -5.12 10.31 24.72
N PHE A 394 -4.42 11.34 24.24
CA PHE A 394 -3.66 11.23 23.00
C PHE A 394 -2.44 10.35 23.21
N GLY A 395 -1.85 10.43 24.39
CA GLY A 395 -0.67 9.65 24.71
C GLY A 395 -0.94 8.15 24.78
N LEU A 396 -2.13 7.79 25.25
CA LEU A 396 -2.50 6.38 25.39
C LEU A 396 -2.88 5.74 24.06
N LEU A 397 -3.63 6.48 23.24
CA LEU A 397 -4.09 5.92 21.97
C LEU A 397 -2.94 5.76 20.97
N CYS A 398 -1.96 6.66 21.05
CA CYS A 398 -0.85 6.62 20.12
C CYS A 398 0.45 6.19 20.81
N TRP A 399 0.32 5.32 21.80
CA TRP A 399 1.49 4.87 22.55
C TRP A 399 2.46 4.08 21.68
N GLU A 400 1.92 3.14 20.90
CA GLU A 400 2.74 2.32 20.02
C GLU A 400 3.36 3.15 18.88
N ALA A 401 2.78 4.31 18.61
CA ALA A 401 3.31 5.20 17.59
C ALA A 401 4.42 6.07 18.16
N ILE A 402 4.20 6.62 19.35
CA ILE A 402 5.18 7.49 19.99
C ILE A 402 6.44 6.70 20.33
N PHE A 403 6.25 5.52 20.92
CA PHE A 403 7.36 4.65 21.28
C PHE A 403 7.65 3.62 20.20
N ALA A 404 7.51 4.04 18.94
CA ALA A 404 7.87 3.19 17.82
C ALA A 404 9.39 3.04 17.77
N ALA A 405 9.85 1.90 17.27
CA ALA A 405 11.29 1.62 17.22
C ALA A 405 11.93 2.24 15.97
N ILE A 406 11.50 3.45 15.64
CA ILE A 406 12.08 4.20 14.53
C ILE A 406 13.56 4.39 14.78
N PRO A 407 14.39 4.10 13.76
CA PRO A 407 15.84 4.30 13.90
C PRO A 407 16.18 5.75 14.17
N GLY A 408 16.96 5.99 15.23
CA GLY A 408 17.35 7.34 15.60
C GLY A 408 16.54 7.86 16.77
N ALA A 409 15.35 7.32 16.96
CA ALA A 409 14.45 7.77 18.01
C ALA A 409 14.98 7.41 19.39
N PHE A 410 15.37 6.15 19.54
CA PHE A 410 15.91 5.66 20.81
C PHE A 410 17.30 5.07 20.64
N PHE A 411 18.15 5.26 21.64
CA PHE A 411 19.53 4.78 21.56
C PHE A 411 20.17 4.53 22.94
N HIS A 412 19.34 4.50 23.98
CA HIS A 412 19.76 4.08 25.31
C HIS A 412 18.51 3.80 26.15
N PRO A 413 18.68 3.32 27.40
CA PRO A 413 17.49 3.32 28.26
C PRO A 413 17.15 4.75 28.67
N PHE A 414 16.34 4.91 29.71
CA PHE A 414 16.04 6.24 30.26
C PHE A 414 15.47 7.22 29.24
N HIS A 415 14.67 6.72 28.30
CA HIS A 415 13.98 7.57 27.35
C HIS A 415 12.55 7.87 27.77
N SER A 416 12.23 9.16 27.91
CA SER A 416 10.86 9.58 28.18
C SER A 416 10.09 9.70 26.88
N ALA A 417 10.80 10.11 25.83
CA ALA A 417 10.19 10.33 24.52
C ALA A 417 11.23 10.05 23.44
N PRO A 418 10.77 9.78 22.21
CA PRO A 418 11.72 9.68 21.09
C PRO A 418 12.45 11.00 20.89
N ALA A 419 13.75 10.93 20.56
CA ALA A 419 14.58 12.11 20.41
C ALA A 419 14.12 13.04 19.29
N ASP A 420 13.39 12.47 18.33
CA ASP A 420 12.93 13.24 17.18
C ASP A 420 11.52 13.74 17.39
N LEU A 421 11.12 13.90 18.64
CA LEU A 421 9.78 14.34 18.97
C LEU A 421 9.49 15.74 18.43
N HIS A 422 10.50 16.61 18.45
CA HIS A 422 10.33 17.99 18.00
C HIS A 422 10.67 18.20 16.54
N SER A 423 10.99 17.12 15.84
CA SER A 423 11.29 17.21 14.42
C SER A 423 10.01 17.47 13.62
N ALA A 424 10.16 18.14 12.49
CA ALA A 424 9.01 18.54 11.68
C ALA A 424 8.45 17.39 10.85
N ASP A 425 9.17 16.27 10.83
CA ASP A 425 8.70 15.09 10.14
C ASP A 425 8.52 13.93 11.12
N PHE A 426 8.26 14.29 12.37
CA PHE A 426 8.01 13.31 13.43
C PHE A 426 6.79 12.47 13.10
N ARG A 427 5.73 13.12 12.62
CA ARG A 427 4.50 12.43 12.27
C ARG A 427 4.69 11.51 11.06
N GLN A 428 5.39 12.01 10.04
CA GLN A 428 5.57 11.28 8.78
C GLN A 428 6.29 9.95 8.92
N ARG A 429 7.35 9.93 9.73
CA ARG A 429 8.13 8.70 9.92
C ARG A 429 7.29 7.60 10.57
N ARG A 430 6.18 8.00 11.16
CA ARG A 430 5.28 7.06 11.83
C ARG A 430 3.87 7.22 11.27
N ALA A 431 3.78 7.78 10.07
CA ALA A 431 2.49 8.11 9.46
C ALA A 431 1.54 6.92 9.36
N ALA A 432 2.11 5.75 9.08
CA ALA A 432 1.31 4.53 9.02
C ALA A 432 0.78 4.16 10.41
N LEU A 433 1.63 4.29 11.41
CA LEU A 433 1.27 3.90 12.78
C LEU A 433 0.22 4.80 13.39
N PHE A 434 0.28 6.09 13.07
CA PHE A 434 -0.66 7.06 13.62
C PHE A 434 -2.06 6.90 13.04
N GLU A 435 -2.15 6.67 11.74
CA GLU A 435 -3.44 6.46 11.11
C GLU A 435 -4.07 5.15 11.60
N ALA A 436 -3.22 4.24 12.06
CA ALA A 436 -3.67 2.96 12.57
C ALA A 436 -4.17 3.09 14.00
N CYS A 437 -3.68 4.10 14.71
CA CYS A 437 -4.09 4.36 16.08
C CYS A 437 -5.32 5.26 16.12
N LEU A 438 -5.32 6.29 15.28
CA LEU A 438 -6.48 7.17 15.18
C LEU A 438 -7.58 6.49 14.38
N GLY A 439 -7.24 5.36 13.76
CA GLY A 439 -8.20 4.57 13.02
C GLY A 439 -9.07 3.78 13.97
N ARG A 440 -8.54 3.53 15.16
CA ARG A 440 -9.27 2.86 16.22
C ARG A 440 -10.33 3.81 16.79
N LEU A 441 -10.19 5.09 16.47
CA LEU A 441 -11.06 6.12 17.00
C LEU A 441 -12.34 6.22 16.18
N GLU A 442 -12.41 5.44 15.11
CA GLU A 442 -13.58 5.44 14.24
C GLU A 442 -14.51 4.27 14.54
N ASP A 443 -13.95 3.07 14.64
CA ASP A 443 -14.71 1.93 15.15
C ASP A 443 -14.63 1.91 16.67
N GLY A 444 -15.24 0.92 17.31
CA GLY A 444 -15.40 0.93 18.75
C GLY A 444 -14.13 0.81 19.58
N SER A 445 -13.06 0.35 18.94
CA SER A 445 -11.85 -0.11 19.64
C SER A 445 -11.18 0.89 20.57
N TYR A 446 -11.29 2.18 20.24
CA TYR A 446 -10.59 3.24 20.98
C TYR A 446 -10.87 3.26 22.49
N ARG A 447 -12.15 3.12 22.87
CA ARG A 447 -12.54 3.14 24.28
C ARG A 447 -11.84 2.04 25.08
N ASP A 448 -11.80 0.85 24.50
CA ASP A 448 -11.18 -0.31 25.15
C ASP A 448 -9.67 -0.28 25.00
N ALA A 449 -9.18 0.26 23.88
CA ALA A 449 -7.75 0.37 23.63
C ALA A 449 -7.05 1.24 24.68
N ILE A 450 -7.71 2.33 25.05
CA ILE A 450 -7.19 3.21 26.10
C ILE A 450 -7.14 2.49 27.44
N ARG A 451 -8.22 1.81 27.79
CA ARG A 451 -8.32 1.12 29.07
C ARG A 451 -7.23 0.07 29.26
N CYS A 452 -6.71 -0.45 28.14
CA CYS A 452 -5.68 -1.48 28.18
C CYS A 452 -4.30 -0.85 28.36
N ARG A 453 -4.06 0.25 27.65
CA ARG A 453 -2.82 1.01 27.80
C ARG A 453 -2.67 1.46 29.24
N TYR A 454 -3.76 1.98 29.80
CA TYR A 454 -3.78 2.51 31.16
C TYR A 454 -3.28 1.48 32.15
N ARG A 455 -3.74 0.25 32.01
CA ARG A 455 -3.35 -0.83 32.93
C ARG A 455 -1.95 -1.34 32.65
N ASP A 456 -1.63 -1.47 31.37
CA ASP A 456 -0.33 -1.98 30.95
C ASP A 456 0.80 -0.99 31.19
N LYS A 457 0.64 0.22 30.67
CA LYS A 457 1.72 1.20 30.63
C LYS A 457 1.78 2.16 31.84
N PHE A 458 0.93 1.92 32.84
CA PHE A 458 0.86 2.80 34.02
C PHE A 458 2.20 3.05 34.68
N GLY A 459 2.50 4.32 34.91
CA GLY A 459 3.70 4.72 35.64
C GLY A 459 4.89 5.01 34.74
N LEU A 460 4.87 4.47 33.53
CA LEU A 460 5.96 4.66 32.58
C LEU A 460 6.17 6.13 32.22
N GLN A 461 7.43 6.55 32.21
CA GLN A 461 7.78 7.91 31.85
C GLN A 461 7.42 8.17 30.39
N SER A 462 6.65 9.22 30.14
CA SER A 462 6.20 9.57 28.79
C SER A 462 5.93 11.07 28.69
N PRO A 463 5.99 11.61 27.47
CA PRO A 463 5.83 13.06 27.30
C PRO A 463 4.37 13.53 27.27
N PHE A 464 3.43 12.61 27.36
CA PHE A 464 2.02 12.98 27.19
C PHE A 464 1.10 12.55 28.34
N VAL A 465 1.30 11.35 28.85
CA VAL A 465 0.39 10.79 29.85
C VAL A 465 0.69 11.26 31.28
N TYR A 466 -0.30 11.87 31.91
CA TYR A 466 -0.19 12.33 33.30
C TYR A 466 -0.82 11.30 34.24
N TRP A 467 -0.04 10.32 34.67
CA TRP A 467 -0.56 9.22 35.48
C TRP A 467 -1.14 9.67 36.81
N GLU A 468 -0.48 10.65 37.44
CA GLU A 468 -0.88 11.13 38.75
C GLU A 468 -2.22 11.85 38.73
N LEU A 469 -2.61 12.34 37.56
CA LEU A 469 -3.84 13.11 37.42
C LEU A 469 -4.94 12.32 36.75
N LEU A 470 -4.56 11.41 35.87
CA LEU A 470 -5.55 10.60 35.17
C LEU A 470 -6.04 9.46 36.06
N GLY A 471 -6.85 9.81 37.06
CA GLY A 471 -7.45 8.84 37.95
C GLY A 471 -8.45 7.98 37.20
N GLU A 472 -8.84 6.87 37.81
CA GLU A 472 -9.70 5.90 37.15
C GLU A 472 -11.08 6.45 36.80
N GLU A 473 -11.64 7.28 37.68
CA GLU A 473 -12.95 7.87 37.45
C GLU A 473 -12.92 8.87 36.29
N LEU A 474 -11.95 9.79 36.34
CA LEU A 474 -11.78 10.80 35.30
C LEU A 474 -11.60 10.17 33.92
N LEU A 475 -10.96 9.00 33.89
CA LEU A 475 -10.71 8.29 32.64
C LEU A 475 -12.01 7.81 31.99
N GLU A 476 -12.78 6.99 32.71
CA GLU A 476 -13.99 6.40 32.17
C GLU A 476 -15.15 7.40 32.05
N GLN A 477 -15.07 8.51 32.76
CA GLN A 477 -16.04 9.58 32.60
C GLN A 477 -15.79 10.30 31.28
N ALA A 478 -14.51 10.43 30.95
CA ALA A 478 -14.10 11.06 29.70
C ALA A 478 -14.42 10.17 28.50
N LEU A 479 -14.19 8.86 28.65
CA LEU A 479 -14.45 7.90 27.58
C LEU A 479 -15.93 7.80 27.18
N ASP A 480 -16.83 8.16 28.09
CA ASP A 480 -18.26 8.11 27.79
C ASP A 480 -18.72 9.41 27.14
N CYS A 481 -18.32 10.54 27.74
CA CYS A 481 -18.79 11.85 27.32
C CYS A 481 -18.12 12.39 26.05
N LEU A 482 -16.80 12.49 26.08
CA LEU A 482 -16.04 13.02 24.93
C LEU A 482 -16.30 12.23 23.65
N PRO A 483 -16.84 12.93 22.62
CA PRO A 483 -17.10 12.32 21.32
C PRO A 483 -15.82 11.91 20.61
N ALA A 484 -15.85 10.77 19.91
CA ALA A 484 -14.68 10.30 19.18
C ALA A 484 -14.29 11.27 18.07
N ALA A 485 -15.29 11.85 17.42
CA ALA A 485 -15.05 12.82 16.35
C ALA A 485 -14.40 14.09 16.91
N HIS A 486 -14.70 14.40 18.16
CA HIS A 486 -14.05 15.51 18.84
C HIS A 486 -12.63 15.14 19.22
N LEU A 487 -12.44 13.89 19.64
CA LEU A 487 -11.11 13.42 20.04
C LEU A 487 -10.16 13.43 18.85
N ARG A 488 -10.71 13.23 17.66
CA ARG A 488 -9.92 13.31 16.44
C ARG A 488 -9.35 14.71 16.29
N ALA A 489 -10.25 15.68 16.12
CA ALA A 489 -9.88 17.07 15.86
C ALA A 489 -8.80 17.60 16.80
N TRP A 490 -8.85 17.16 18.05
CA TRP A 490 -7.85 17.58 19.02
C TRP A 490 -6.51 16.94 18.73
N PHE A 491 -6.52 15.62 18.56
CA PHE A 491 -5.31 14.84 18.30
C PHE A 491 -4.63 15.30 17.01
N GLU A 492 -5.45 15.67 16.02
CA GLU A 492 -4.92 16.15 14.75
C GLU A 492 -4.19 17.48 14.94
N ARG A 493 -4.78 18.36 15.75
CA ARG A 493 -4.20 19.68 15.98
C ARG A 493 -2.87 19.58 16.73
N LEU A 494 -2.75 18.58 17.60
CA LEU A 494 -1.50 18.33 18.31
C LEU A 494 -0.41 17.93 17.33
N LEU A 495 -0.78 17.17 16.31
CA LEU A 495 0.20 16.69 15.35
C LEU A 495 0.59 17.74 14.31
N GLU A 496 -0.18 18.83 14.22
CA GLU A 496 0.19 19.94 13.35
C GLU A 496 1.48 20.52 13.92
N ASP A 497 1.51 20.63 15.24
CA ASP A 497 2.63 21.23 15.93
C ASP A 497 2.58 20.83 17.39
N ILE A 498 3.32 19.78 17.73
CA ILE A 498 3.34 19.28 19.11
C ILE A 498 3.86 20.30 20.13
N PRO A 499 5.06 20.90 19.88
CA PRO A 499 5.53 21.85 20.89
C PRO A 499 4.66 23.10 21.01
N GLY A 500 3.94 23.43 19.95
CA GLY A 500 3.16 24.65 19.90
C GLY A 500 1.73 24.44 20.33
N ASN A 501 1.31 23.19 20.35
CA ASN A 501 -0.04 22.84 20.77
C ASN A 501 -0.06 21.83 21.91
N ARG A 502 1.05 21.75 22.64
CA ARG A 502 1.12 20.88 23.81
C ARG A 502 0.29 21.50 24.93
N ALA A 503 0.31 22.82 24.98
CA ALA A 503 -0.38 23.57 26.04
C ALA A 503 -1.45 24.49 25.48
N GLY A 504 -2.11 25.22 26.36
CA GLY A 504 -3.15 26.14 25.96
C GLY A 504 -4.57 25.66 26.22
N LEU A 505 -4.71 24.50 26.85
CA LEU A 505 -6.03 23.95 27.14
C LEU A 505 -6.64 24.53 28.41
N PRO A 506 -7.98 24.67 28.45
CA PRO A 506 -8.67 25.32 29.58
C PRO A 506 -8.50 24.60 30.92
N ASP A 507 -8.63 25.36 32.01
CA ASP A 507 -8.44 24.86 33.37
C ASP A 507 -9.25 23.60 33.68
N LEU A 508 -10.56 23.67 33.46
CA LEU A 508 -11.49 22.64 33.93
C LEU A 508 -12.29 21.97 32.80
N ILE A 509 -12.58 20.69 32.98
CA ILE A 509 -13.56 20.00 32.16
C ILE A 509 -14.68 19.59 33.11
N GLN A 510 -15.92 19.70 32.68
CA GLN A 510 -17.02 19.21 33.49
C GLN A 510 -17.90 18.28 32.66
N PHE A 511 -18.13 17.08 33.18
CA PHE A 511 -18.94 16.11 32.50
C PHE A 511 -20.30 16.02 33.16
N TRP A 512 -21.34 15.80 32.35
CA TRP A 512 -22.67 15.53 32.86
C TRP A 512 -22.98 14.10 32.42
N PRO A 513 -22.32 13.12 33.05
CA PRO A 513 -22.21 11.73 32.58
C PRO A 513 -23.55 11.07 32.26
N ALA A 514 -24.57 11.36 33.05
CA ALA A 514 -25.88 10.75 32.86
C ALA A 514 -26.48 11.11 31.50
N GLN A 515 -26.33 12.38 31.12
CA GLN A 515 -26.81 12.84 29.81
C GLN A 515 -25.68 12.84 28.77
N ARG A 516 -24.52 12.35 29.18
CA ARG A 516 -23.38 12.13 28.28
C ARG A 516 -22.96 13.37 27.47
N ARG A 517 -22.89 14.51 28.15
CA ARG A 517 -22.40 15.74 27.53
C ARG A 517 -21.28 16.34 28.38
N TYR A 518 -20.30 16.94 27.72
CA TYR A 518 -19.23 17.64 28.41
C TYR A 518 -19.24 19.12 28.02
N ARG A 519 -18.70 19.95 28.89
CA ARG A 519 -18.49 21.37 28.63
C ARG A 519 -17.22 21.72 29.39
N MET A 520 -16.29 22.41 28.74
CA MET A 520 -15.01 22.69 29.39
C MET A 520 -14.70 24.17 29.54
N VAL A 521 -14.16 24.55 30.69
CA VAL A 521 -14.04 25.95 31.07
C VAL A 521 -12.64 26.35 31.54
N GLU A 522 -12.20 27.52 31.10
CA GLU A 522 -10.98 28.14 31.61
C GLU A 522 -11.37 29.35 32.44
N VAL A 523 -11.00 29.37 33.71
CA VAL A 523 -11.40 30.46 34.59
C VAL A 523 -10.31 31.51 34.75
N LYS A 524 -10.71 32.75 35.02
CA LYS A 524 -9.78 33.85 35.20
C LYS A 524 -10.20 34.69 36.40
N GLY A 525 -9.29 34.83 37.36
CA GLY A 525 -9.54 35.68 38.51
C GLY A 525 -9.42 37.15 38.15
N PRO A 526 -9.37 38.02 39.16
CA PRO A 526 -9.22 39.46 38.93
C PRO A 526 -7.80 39.84 38.53
N GLY A 527 -6.90 38.86 38.49
CA GLY A 527 -5.51 39.12 38.14
C GLY A 527 -4.92 38.20 37.09
N ASP A 528 -5.66 37.97 36.00
CA ASP A 528 -5.16 37.20 34.86
C ASP A 528 -6.13 37.28 33.67
N ARG A 529 -5.57 37.34 32.46
CA ARG A 529 -6.38 37.30 31.25
C ARG A 529 -6.01 36.09 30.41
N LEU A 530 -6.74 35.86 29.32
CA LEU A 530 -6.48 34.74 28.43
C LEU A 530 -5.12 34.87 27.76
N GLN A 531 -4.33 33.81 27.82
CA GLN A 531 -3.06 33.78 27.11
C GLN A 531 -3.31 33.61 25.62
N ASP A 532 -2.27 33.80 24.81
CA ASP A 532 -2.39 33.70 23.36
C ASP A 532 -2.80 32.30 22.91
N ASN A 533 -2.08 31.29 23.38
CA ASN A 533 -2.35 29.91 23.00
C ASN A 533 -3.71 29.42 23.51
N GLN A 534 -4.10 29.88 24.69
CA GLN A 534 -5.40 29.54 25.26
C GLN A 534 -6.51 30.11 24.40
N LEU A 535 -6.27 31.28 23.84
CA LEU A 535 -7.22 31.93 22.95
C LEU A 535 -7.31 31.15 21.65
N ARG A 536 -6.16 30.67 21.18
CA ARG A 536 -6.10 29.90 19.94
C ARG A 536 -6.92 28.61 19.99
N TRP A 537 -7.09 28.05 21.17
CA TRP A 537 -7.79 26.78 21.32
C TRP A 537 -9.28 26.97 21.52
N LEU A 538 -9.65 28.06 22.18
CA LEU A 538 -11.04 28.44 22.34
C LEU A 538 -11.64 28.77 20.96
N GLN A 539 -10.84 29.44 20.13
CA GLN A 539 -11.22 29.74 18.75
C GLN A 539 -11.36 28.44 17.97
N PHE A 540 -10.46 27.50 18.25
CA PHE A 540 -10.46 26.20 17.58
C PHE A 540 -11.74 25.42 17.88
N CYS A 541 -12.01 25.20 19.17
CA CYS A 541 -13.15 24.43 19.61
C CYS A 541 -14.47 25.11 19.22
N ARG A 542 -14.46 26.43 19.19
CA ARG A 542 -15.63 27.20 18.78
C ARG A 542 -16.01 26.89 17.34
N GLU A 543 -15.02 26.87 16.46
CA GLU A 543 -15.25 26.64 15.04
C GLU A 543 -15.73 25.23 14.74
N ARG A 544 -15.51 24.31 15.69
CA ARG A 544 -15.96 22.93 15.51
C ARG A 544 -17.09 22.57 16.49
N GLU A 545 -17.80 23.60 16.93
CA GLU A 545 -18.97 23.45 17.79
C GLU A 545 -18.69 22.61 19.04
N MET A 546 -17.55 22.87 19.66
CA MET A 546 -17.16 22.17 20.88
C MET A 546 -17.46 23.02 22.11
N PRO A 547 -18.12 22.42 23.11
CA PRO A 547 -18.58 23.12 24.32
C PRO A 547 -17.42 23.70 25.14
N VAL A 548 -17.04 24.94 24.85
CA VAL A 548 -16.04 25.62 25.65
C VAL A 548 -16.56 26.96 26.12
N ALA A 549 -15.99 27.47 27.21
CA ALA A 549 -16.39 28.77 27.74
C ALA A 549 -15.34 29.33 28.68
N VAL A 550 -15.24 30.66 28.71
CA VAL A 550 -14.33 31.33 29.62
C VAL A 550 -15.09 31.89 30.82
N CYS A 551 -14.65 31.48 32.01
CA CYS A 551 -15.27 31.95 33.23
C CYS A 551 -14.52 33.12 33.85
N TYR A 552 -15.19 34.27 33.91
CA TYR A 552 -14.59 35.45 34.52
C TYR A 552 -15.14 35.65 35.92
N VAL A 553 -14.22 35.76 36.88
CA VAL A 553 -14.58 35.85 38.28
C VAL A 553 -14.24 37.22 38.87
N LEU E 16 -17.50 3.81 -42.65
CA LEU E 16 -16.66 4.74 -43.40
C LEU E 16 -17.29 6.11 -43.69
N PRO E 17 -18.52 6.15 -44.24
CA PRO E 17 -19.06 7.47 -44.58
C PRO E 17 -19.39 8.36 -43.37
N GLU E 18 -19.52 7.76 -42.20
CA GLU E 18 -19.82 8.51 -40.98
C GLU E 18 -18.66 8.43 -39.99
N PRO E 19 -18.02 9.59 -39.71
CA PRO E 19 -16.87 9.71 -38.82
C PRO E 19 -17.13 9.19 -37.40
N PHE E 20 -18.37 9.32 -36.94
CA PHE E 20 -18.73 8.83 -35.61
C PHE E 20 -19.40 7.47 -35.66
N TYR E 21 -18.91 6.60 -36.53
CA TYR E 21 -19.53 5.29 -36.75
C TYR E 21 -19.46 4.44 -35.50
N TYR E 22 -18.34 4.55 -34.78
CA TYR E 22 -18.11 3.76 -33.59
C TYR E 22 -19.05 4.16 -32.45
N LEU E 23 -19.38 5.45 -32.40
CA LEU E 23 -20.27 5.96 -31.36
C LEU E 23 -21.70 5.51 -31.63
N HIS E 24 -22.08 5.55 -32.91
CA HIS E 24 -23.39 5.08 -33.34
C HIS E 24 -23.58 3.59 -33.03
N ASN E 25 -22.51 2.81 -33.22
CA ASN E 25 -22.57 1.39 -32.88
C ASN E 25 -22.73 1.17 -31.38
N PHE E 26 -22.04 1.98 -30.60
CA PHE E 26 -22.11 1.93 -29.15
C PHE E 26 -23.50 2.35 -28.65
N ARG E 27 -24.04 3.39 -29.29
CA ARG E 27 -25.39 3.86 -29.00
C ARG E 27 -26.42 2.79 -29.32
N ALA E 28 -26.21 2.11 -30.45
CA ALA E 28 -27.07 1.02 -30.87
C ALA E 28 -27.14 -0.10 -29.84
N VAL E 29 -25.99 -0.46 -29.27
CA VAL E 29 -25.92 -1.48 -28.23
C VAL E 29 -26.66 -1.04 -26.98
N LEU E 30 -26.46 0.22 -26.59
CA LEU E 30 -27.12 0.80 -25.42
C LEU E 30 -28.64 0.77 -25.56
N ALA E 31 -29.13 1.16 -26.73
CA ALA E 31 -30.57 1.16 -26.97
C ALA E 31 -31.13 -0.25 -26.99
N TRP E 32 -30.42 -1.16 -27.64
CA TRP E 32 -30.78 -2.58 -27.67
C TRP E 32 -30.88 -3.14 -26.25
N ILE E 33 -29.95 -2.74 -25.38
CA ILE E 33 -29.95 -3.19 -24.00
C ILE E 33 -31.15 -2.62 -23.26
N GLY E 34 -31.44 -1.36 -23.53
CA GLY E 34 -32.59 -0.69 -22.94
C GLY E 34 -33.90 -1.37 -23.27
N GLU E 35 -34.02 -1.92 -24.47
CA GLU E 35 -35.26 -2.55 -24.89
C GLU E 35 -35.43 -3.94 -24.31
N ARG E 36 -34.55 -4.85 -24.73
CA ARG E 36 -34.70 -6.28 -24.42
C ARG E 36 -34.22 -6.70 -23.03
N TYR E 37 -33.28 -5.96 -22.46
CA TYR E 37 -32.69 -6.36 -21.18
C TYR E 37 -32.92 -5.34 -20.08
N ALA E 38 -34.07 -4.66 -20.14
CA ALA E 38 -34.38 -3.61 -19.19
C ALA E 38 -34.49 -4.11 -17.74
N ASP E 39 -35.10 -5.27 -17.57
CA ASP E 39 -35.33 -5.82 -16.24
C ASP E 39 -34.05 -6.43 -15.65
N LEU E 40 -33.09 -6.73 -16.52
CA LEU E 40 -31.84 -7.33 -16.09
C LEU E 40 -30.83 -6.26 -15.64
N LEU E 41 -31.20 -5.01 -15.85
CA LEU E 41 -30.32 -3.88 -15.59
C LEU E 41 -30.57 -3.28 -14.20
N ASP E 42 -29.50 -2.88 -13.51
CA ASP E 42 -29.62 -2.37 -12.14
C ASP E 42 -29.63 -0.83 -12.06
N ASP E 43 -29.90 -0.30 -10.87
CA ASP E 43 -30.07 1.13 -10.62
C ASP E 43 -28.94 2.00 -11.17
N GLN E 44 -27.72 1.74 -10.72
CA GLN E 44 -26.57 2.53 -11.11
C GLN E 44 -26.20 2.34 -12.59
N GLU E 45 -26.70 1.27 -13.19
CA GLU E 45 -26.46 0.98 -14.60
C GLU E 45 -27.45 1.74 -15.50
N ARG E 46 -28.67 1.90 -15.00
CA ARG E 46 -29.68 2.68 -15.70
C ARG E 46 -29.29 4.15 -15.71
N ALA E 47 -28.63 4.56 -14.63
CA ALA E 47 -28.12 5.92 -14.46
C ALA E 47 -27.03 6.22 -15.47
N PHE E 48 -26.19 5.22 -15.72
CA PHE E 48 -25.11 5.36 -16.69
C PHE E 48 -25.65 5.62 -18.10
N ILE E 49 -26.59 4.79 -18.55
CA ILE E 49 -27.12 4.90 -19.90
C ILE E 49 -27.84 6.23 -20.11
N ALA E 50 -28.49 6.70 -19.04
CA ALA E 50 -29.18 7.98 -19.05
C ALA E 50 -28.18 9.13 -19.11
N ALA E 51 -27.14 9.03 -18.28
CA ALA E 51 -26.11 10.06 -18.17
C ALA E 51 -25.31 10.15 -19.45
N PHE E 52 -25.08 9.01 -20.09
CA PHE E 52 -24.28 8.96 -21.29
C PHE E 52 -24.94 9.75 -22.41
N ALA E 53 -26.26 9.67 -22.49
CA ALA E 53 -26.99 10.34 -23.57
C ALA E 53 -26.99 11.86 -23.40
N GLU E 54 -26.83 12.30 -22.16
CA GLU E 54 -26.81 13.72 -21.83
C GLU E 54 -25.44 14.35 -22.07
N LEU E 55 -24.45 13.52 -22.36
CA LEU E 55 -23.10 14.02 -22.66
C LEU E 55 -23.08 14.70 -24.02
N PRO E 56 -22.12 15.63 -24.22
CA PRO E 56 -21.89 16.20 -25.54
C PRO E 56 -21.43 15.11 -26.49
N GLU E 57 -21.67 15.33 -27.78
CA GLU E 57 -21.33 14.35 -28.79
C GLU E 57 -19.84 13.97 -28.78
N ALA E 58 -18.96 14.96 -28.67
CA ALA E 58 -17.52 14.68 -28.65
C ALA E 58 -17.06 14.02 -27.36
N SER E 59 -17.88 14.07 -26.32
CA SER E 59 -17.52 13.46 -25.04
C SER E 59 -17.90 11.98 -25.04
N GLN E 60 -19.05 11.68 -25.63
CA GLN E 60 -19.47 10.31 -25.85
C GLN E 60 -18.44 9.59 -26.71
N ALA E 61 -18.00 10.27 -27.76
CA ALA E 61 -17.05 9.70 -28.70
C ALA E 61 -15.72 9.34 -28.03
N LEU E 62 -15.21 10.27 -27.23
CA LEU E 62 -13.90 10.07 -26.58
C LEU E 62 -13.94 8.90 -25.61
N LEU E 63 -15.07 8.77 -24.91
CA LEU E 63 -15.28 7.69 -23.95
C LEU E 63 -15.27 6.34 -24.66
N VAL E 64 -16.07 6.23 -25.71
CA VAL E 64 -16.13 5.02 -26.53
C VAL E 64 -14.75 4.60 -27.05
N ARG E 65 -13.93 5.57 -27.43
CA ARG E 65 -12.57 5.29 -27.91
C ARG E 65 -11.73 4.54 -26.87
N MET E 66 -11.79 5.02 -25.63
CA MET E 66 -11.05 4.41 -24.53
C MET E 66 -11.62 3.02 -24.18
N VAL E 67 -12.93 2.88 -24.34
CA VAL E 67 -13.60 1.62 -24.01
C VAL E 67 -13.20 0.56 -25.02
N MET E 68 -13.24 0.94 -26.29
CA MET E 68 -12.89 0.04 -27.39
C MET E 68 -11.42 -0.36 -27.42
N ARG E 69 -10.54 0.58 -27.09
CA ARG E 69 -9.10 0.32 -27.13
C ARG E 69 -8.65 -0.55 -25.96
N LYS E 70 -7.49 -1.16 -26.15
CA LYS E 70 -6.96 -2.24 -25.29
C LYS E 70 -6.91 -1.89 -23.82
N GLY E 71 -6.21 -0.81 -23.48
CA GLY E 71 -6.00 -0.49 -22.08
C GLY E 71 -7.21 0.10 -21.35
N THR E 72 -6.90 0.67 -20.19
CA THR E 72 -7.84 1.42 -19.39
C THR E 72 -7.07 2.67 -18.98
N LEU E 73 -5.73 2.60 -19.13
CA LEU E 73 -4.87 3.78 -18.97
C LEU E 73 -4.58 4.39 -20.35
N PHE E 74 -4.58 5.71 -20.44
CA PHE E 74 -4.30 6.38 -21.71
C PHE E 74 -3.52 7.68 -21.51
N ARG E 75 -2.45 7.85 -22.29
CA ARG E 75 -1.76 9.12 -22.33
C ARG E 75 -2.56 10.07 -23.21
N GLU E 76 -2.58 11.35 -22.86
CA GLU E 76 -3.34 12.34 -23.62
C GLU E 76 -2.87 12.43 -25.07
N GLY E 77 -1.57 12.27 -25.29
CA GLY E 77 -1.00 12.32 -26.61
C GLY E 77 -1.51 11.18 -27.50
N LYS E 78 -1.84 10.06 -26.87
CA LYS E 78 -2.34 8.91 -27.60
C LYS E 78 -3.86 8.95 -27.75
N LEU E 79 -4.45 10.12 -27.50
CA LEU E 79 -5.89 10.29 -27.64
C LEU E 79 -6.22 11.45 -28.58
N ALA E 80 -5.55 11.48 -29.72
CA ALA E 80 -5.75 12.55 -30.70
C ALA E 80 -6.72 12.10 -31.79
N TYR E 81 -7.95 12.62 -31.77
CA TYR E 81 -8.93 12.28 -32.78
C TYR E 81 -9.53 13.54 -33.39
N ALA E 82 -9.45 13.66 -34.72
CA ALA E 82 -9.86 14.87 -35.42
C ALA E 82 -11.35 15.16 -35.29
N GLU E 83 -12.15 14.09 -35.27
CA GLU E 83 -13.60 14.24 -35.21
C GLU E 83 -14.09 14.71 -33.85
N ILE E 84 -13.29 14.50 -32.81
CA ILE E 84 -13.66 14.92 -31.47
C ILE E 84 -13.02 16.24 -31.09
N GLY E 85 -11.96 16.61 -31.79
CA GLY E 85 -11.29 17.87 -31.54
C GLY E 85 -10.36 17.84 -30.33
N ASP E 86 -10.43 18.91 -29.53
CA ASP E 86 -9.61 19.04 -28.33
C ASP E 86 -9.97 17.93 -27.35
N THR E 87 -8.98 17.14 -26.96
CA THR E 87 -9.22 16.00 -26.09
C THR E 87 -9.32 16.42 -24.62
N ARG E 88 -8.42 17.31 -24.20
CA ARG E 88 -8.41 17.77 -22.82
C ARG E 88 -9.72 18.46 -22.46
N ALA E 89 -10.38 19.02 -23.47
CA ALA E 89 -11.66 19.68 -23.28
C ALA E 89 -12.80 18.66 -23.25
N ALA E 90 -12.81 17.79 -24.25
CA ALA E 90 -13.83 16.74 -24.35
C ALA E 90 -13.80 15.76 -23.18
N VAL E 91 -12.66 15.65 -22.51
CA VAL E 91 -12.51 14.69 -21.42
C VAL E 91 -13.06 15.26 -20.11
N GLN E 92 -13.33 16.55 -20.11
CA GLN E 92 -13.77 17.24 -18.90
C GLN E 92 -15.12 16.76 -18.34
N PRO E 93 -16.15 16.60 -19.20
CA PRO E 93 -17.42 16.11 -18.65
C PRO E 93 -17.29 14.68 -18.14
N LEU E 94 -16.24 13.99 -18.57
CA LEU E 94 -16.01 12.63 -18.14
C LEU E 94 -15.27 12.61 -16.80
N LEU E 95 -14.39 13.58 -16.59
CA LEU E 95 -13.73 13.72 -15.30
C LEU E 95 -14.75 14.20 -14.26
N ALA E 96 -15.75 14.93 -14.71
CA ALA E 96 -16.78 15.46 -13.83
C ALA E 96 -17.66 14.33 -13.30
N LEU E 97 -17.96 13.38 -14.17
CA LEU E 97 -18.74 12.21 -13.79
C LEU E 97 -17.92 11.17 -13.04
N GLY E 98 -16.59 11.29 -13.10
CA GLY E 98 -15.70 10.34 -12.46
C GLY E 98 -15.57 9.05 -13.27
N TRP E 99 -16.11 9.05 -14.48
CA TRP E 99 -15.98 7.92 -15.40
C TRP E 99 -14.53 7.79 -15.87
N VAL E 100 -13.84 8.93 -15.93
CA VAL E 100 -12.42 8.94 -16.27
C VAL E 100 -11.66 9.61 -15.12
N ASP E 101 -10.42 9.21 -14.90
CA ASP E 101 -9.67 9.73 -13.76
C ASP E 101 -8.25 10.18 -14.11
N ALA E 102 -8.06 11.49 -14.27
CA ALA E 102 -6.70 12.03 -14.30
C ALA E 102 -6.15 11.89 -12.90
N GLN E 103 -4.84 11.89 -12.76
CA GLN E 103 -4.17 11.52 -11.51
C GLN E 103 -4.60 10.14 -10.99
N PRO E 104 -4.38 9.08 -11.79
CA PRO E 104 -4.59 7.75 -11.19
C PRO E 104 -3.30 7.28 -10.53
N THR E 105 -3.40 6.31 -9.64
CA THR E 105 -2.22 5.72 -9.03
C THR E 105 -1.77 4.54 -9.86
N LEU E 106 -0.47 4.49 -10.14
CA LEU E 106 0.08 3.53 -11.06
C LEU E 106 1.14 2.64 -10.42
N GLU E 107 0.97 1.33 -10.57
CA GLU E 107 2.00 0.37 -10.21
C GLU E 107 3.19 0.57 -11.15
N LEU E 108 4.38 0.21 -10.69
CA LEU E 108 5.60 0.34 -11.49
C LEU E 108 5.49 -0.48 -12.78
N ALA E 109 4.70 -1.54 -12.73
CA ALA E 109 4.52 -2.41 -13.88
C ALA E 109 3.66 -1.79 -14.98
N GLN E 110 2.68 -0.98 -14.58
CA GLN E 110 1.79 -0.35 -15.56
C GLN E 110 2.27 1.03 -16.00
N LEU E 111 3.15 1.63 -15.22
CA LEU E 111 3.82 2.86 -15.64
C LEU E 111 4.73 2.52 -16.80
N PHE E 112 5.30 1.32 -16.75
CA PHE E 112 6.16 0.84 -17.82
C PHE E 112 5.38 0.69 -19.10
N GLY E 113 4.07 0.47 -18.98
CA GLY E 113 3.23 0.27 -20.14
C GLY E 113 2.92 1.58 -20.82
N LEU E 114 2.92 2.65 -20.04
CA LEU E 114 2.55 3.97 -20.54
C LEU E 114 3.74 4.67 -21.17
N LEU E 115 4.92 4.45 -20.59
CA LEU E 115 6.10 5.16 -21.06
C LEU E 115 6.98 4.35 -21.99
N LYS E 116 7.73 5.08 -22.83
CA LYS E 116 8.73 4.50 -23.72
C LYS E 116 9.95 4.08 -22.91
N LYS E 117 10.78 3.22 -23.50
CA LYS E 117 11.96 2.69 -22.82
C LYS E 117 12.96 3.79 -22.46
N ASP E 118 13.17 4.72 -23.38
CA ASP E 118 14.13 5.80 -23.16
C ASP E 118 13.70 6.74 -22.04
N GLU E 119 12.39 6.99 -21.96
CA GLU E 119 11.81 7.82 -20.91
C GLU E 119 12.01 7.17 -19.54
N LEU E 120 11.83 5.85 -19.48
CA LEU E 120 11.97 5.11 -18.24
C LEU E 120 13.42 4.98 -17.80
N SER E 121 14.33 4.96 -18.76
CA SER E 121 15.75 4.88 -18.44
C SER E 121 16.22 6.19 -17.83
N GLN E 122 15.65 7.30 -18.32
CA GLN E 122 15.99 8.61 -17.79
C GLN E 122 15.51 8.74 -16.35
N LEU E 123 14.30 8.26 -16.11
CA LEU E 123 13.66 8.41 -14.81
C LEU E 123 14.36 7.62 -13.72
N PHE E 124 14.60 6.34 -14.00
CA PHE E 124 15.25 5.45 -13.03
C PHE E 124 16.75 5.38 -13.29
N ARG E 125 17.32 6.51 -13.71
CA ARG E 125 18.73 6.60 -14.08
C ARG E 125 19.66 6.16 -12.95
N ASP E 126 19.41 6.66 -11.75
CA ASP E 126 20.26 6.40 -10.59
C ASP E 126 20.01 5.02 -9.97
N HIS E 127 19.48 4.09 -10.77
CA HIS E 127 19.21 2.73 -10.28
C HIS E 127 19.53 1.69 -11.35
N LEU E 128 20.10 2.17 -12.45
CA LEU E 128 20.41 1.30 -13.59
C LEU E 128 21.89 1.38 -13.93
N GLY E 129 22.41 0.34 -14.57
CA GLY E 129 23.79 0.32 -15.00
C GLY E 129 23.97 0.95 -16.37
N ARG E 130 25.13 0.73 -16.98
CA ARG E 130 25.41 1.28 -18.29
C ARG E 130 24.98 0.31 -19.38
N ALA E 131 24.68 -0.91 -18.97
CA ALA E 131 24.32 -1.98 -19.91
C ALA E 131 22.92 -1.79 -20.46
N ASN E 132 22.79 -2.01 -21.76
CA ASN E 132 21.48 -1.95 -22.41
C ASN E 132 20.69 -3.22 -22.15
N LEU E 133 19.67 -3.10 -21.30
CA LEU E 133 18.75 -4.21 -21.06
C LEU E 133 17.45 -3.99 -21.82
N ARG E 134 16.73 -5.08 -22.07
CA ARG E 134 15.41 -5.00 -22.66
C ARG E 134 14.44 -4.37 -21.65
N LYS E 135 13.29 -3.93 -22.15
CA LYS E 135 12.33 -3.21 -21.32
C LYS E 135 11.78 -4.07 -20.19
N ASP E 136 11.45 -5.33 -20.49
CA ASP E 136 10.93 -6.25 -19.49
C ASP E 136 11.97 -6.58 -18.44
N ALA E 137 13.23 -6.58 -18.86
CA ALA E 137 14.35 -6.80 -17.96
C ALA E 137 14.46 -5.67 -16.95
N LEU E 138 14.35 -4.44 -17.44
CA LEU E 138 14.33 -3.27 -16.57
C LEU E 138 13.20 -3.37 -15.56
N LEU E 139 12.05 -3.83 -16.02
CA LEU E 139 10.87 -3.94 -15.17
C LEU E 139 11.13 -4.91 -14.04
N GLU E 140 11.84 -5.99 -14.37
CA GLU E 140 12.17 -7.01 -13.39
C GLU E 140 13.19 -6.50 -12.36
N ARG E 141 14.20 -5.77 -12.83
CA ARG E 141 15.22 -5.23 -11.94
C ARG E 141 14.63 -4.20 -10.98
N LEU E 142 13.76 -3.34 -11.51
CA LEU E 142 13.24 -2.20 -10.76
C LEU E 142 12.00 -2.54 -9.93
N GLN E 143 11.30 -3.62 -10.29
CA GLN E 143 10.07 -4.00 -9.58
C GLN E 143 10.20 -4.10 -8.06
N PRO E 144 11.26 -4.74 -7.54
CA PRO E 144 11.41 -4.80 -6.09
C PRO E 144 11.78 -3.46 -5.46
N LEU E 145 12.53 -2.63 -6.17
CA LEU E 145 12.89 -1.32 -5.65
C LEU E 145 11.70 -0.37 -5.54
N PHE E 146 10.64 -0.66 -6.28
CA PHE E 146 9.44 0.19 -6.23
C PHE E 146 8.15 -0.64 -6.26
N PRO E 147 7.90 -1.41 -5.19
CA PRO E 147 6.76 -2.33 -5.20
C PRO E 147 5.41 -1.62 -5.04
N GLU E 148 5.42 -0.45 -4.42
CA GLU E 148 4.19 0.29 -4.15
C GLU E 148 3.72 1.10 -5.36
N ALA E 149 2.40 1.26 -5.49
CA ALA E 149 1.83 2.09 -6.53
C ALA E 149 1.80 3.54 -6.08
N ARG E 150 1.75 4.46 -7.04
CA ARG E 150 1.72 5.88 -6.72
C ARG E 150 1.26 6.71 -7.93
N ARG E 151 0.90 7.97 -7.66
CA ARG E 151 0.45 8.86 -8.72
C ARG E 151 1.59 9.13 -9.70
N LEU E 152 1.25 9.55 -10.91
CA LEU E 152 2.25 9.87 -11.93
C LEU E 152 3.15 11.00 -11.43
N ALA E 153 2.55 11.92 -10.69
CA ALA E 153 3.28 13.05 -10.15
C ALA E 153 4.31 12.58 -9.14
N GLU E 154 4.01 11.48 -8.47
CA GLU E 154 4.93 10.89 -7.50
C GLU E 154 6.00 10.05 -8.16
N TRP E 155 5.72 9.55 -9.36
CA TRP E 155 6.72 8.84 -10.15
C TRP E 155 7.68 9.84 -10.75
N GLN E 156 7.12 10.77 -11.51
CA GLN E 156 7.88 11.83 -12.17
C GLN E 156 7.10 13.14 -12.09
N ALA E 157 7.57 14.05 -11.23
CA ALA E 157 6.94 15.36 -11.08
C ALA E 157 7.10 16.19 -12.35
N ASP E 158 8.10 15.85 -13.15
CA ASP E 158 8.43 16.60 -14.36
C ASP E 158 7.51 16.24 -15.53
N PHE E 159 6.66 15.24 -15.33
CA PHE E 159 5.78 14.75 -16.38
C PHE E 159 4.71 15.79 -16.71
N ALA E 160 4.61 16.15 -17.99
CA ALA E 160 3.73 17.23 -18.41
C ALA E 160 2.48 16.74 -19.12
N GLU E 161 2.44 15.45 -19.45
CA GLU E 161 1.25 14.85 -20.04
C GLU E 161 0.31 14.33 -18.97
N PRO E 162 -0.98 14.66 -19.10
CA PRO E 162 -1.94 13.97 -18.23
C PRO E 162 -2.17 12.53 -18.72
N VAL E 163 -2.33 11.61 -17.78
CA VAL E 163 -2.70 10.23 -18.09
C VAL E 163 -4.09 9.92 -17.54
N TYR E 164 -5.02 9.58 -18.43
CA TYR E 164 -6.41 9.36 -18.07
C TYR E 164 -6.72 7.88 -17.84
N GLU E 165 -7.37 7.58 -16.72
CA GLU E 165 -7.75 6.20 -16.40
C GLU E 165 -9.25 6.00 -16.57
N LEU E 166 -9.62 5.00 -17.37
CA LEU E 166 -11.03 4.71 -17.59
C LEU E 166 -11.57 3.92 -16.40
N ARG E 167 -12.63 4.41 -15.78
CA ARG E 167 -13.08 3.84 -14.52
C ARG E 167 -14.43 3.15 -14.62
N CYS E 168 -14.96 3.05 -15.83
CA CYS E 168 -16.27 2.45 -16.05
C CYS E 168 -16.19 1.26 -17.02
N MET E 169 -15.08 0.55 -17.00
CA MET E 169 -14.86 -0.56 -17.92
C MET E 169 -15.67 -1.80 -17.58
N ALA E 170 -15.85 -2.08 -16.29
CA ALA E 170 -16.62 -3.25 -15.86
C ALA E 170 -18.08 -3.18 -16.30
N LEU E 171 -18.67 -2.00 -16.18
CA LEU E 171 -20.06 -1.80 -16.57
C LEU E 171 -20.22 -2.03 -18.07
N CYS E 172 -19.21 -1.61 -18.83
CA CYS E 172 -19.26 -1.73 -20.27
C CYS E 172 -19.14 -3.18 -20.73
N ASP E 173 -18.33 -3.97 -20.01
CA ASP E 173 -18.20 -5.38 -20.32
C ASP E 173 -19.52 -6.11 -20.12
N ARG E 174 -20.22 -5.77 -19.04
CA ARG E 174 -21.52 -6.34 -18.76
C ARG E 174 -22.52 -5.98 -19.86
N LEU E 175 -22.45 -4.74 -20.32
CA LEU E 175 -23.28 -4.28 -21.42
C LEU E 175 -23.01 -5.10 -22.67
N ARG E 176 -21.74 -5.34 -22.93
CA ARG E 176 -21.32 -6.11 -24.10
C ARG E 176 -21.71 -7.58 -23.93
N LEU E 177 -21.56 -8.10 -22.72
CA LEU E 177 -21.86 -9.49 -22.42
C LEU E 177 -23.35 -9.76 -22.55
N MET E 178 -24.15 -8.71 -22.40
CA MET E 178 -25.59 -8.81 -22.53
C MET E 178 -26.02 -8.71 -24.00
N TYR E 179 -25.26 -7.96 -24.79
CA TYR E 179 -25.56 -7.81 -26.22
C TYR E 179 -25.31 -9.10 -26.98
N PHE E 180 -24.04 -9.39 -27.28
CA PHE E 180 -23.66 -10.73 -27.71
C PHE E 180 -23.79 -11.61 -26.48
N GLY E 181 -24.17 -12.87 -26.67
CA GLY E 181 -24.29 -13.77 -25.53
C GLY E 181 -22.97 -14.21 -24.91
N ASN E 182 -21.93 -13.39 -25.07
CA ASN E 182 -20.59 -13.75 -24.62
C ASN E 182 -19.68 -12.53 -24.48
N LEU E 183 -18.38 -12.76 -24.30
CA LEU E 183 -17.42 -11.65 -24.17
C LEU E 183 -16.28 -11.75 -25.17
N TRP E 184 -16.30 -12.79 -26.00
CA TRP E 184 -15.25 -12.96 -27.00
C TRP E 184 -15.48 -12.08 -28.22
N GLN E 185 -16.74 -11.75 -28.49
CA GLN E 185 -17.06 -10.78 -29.53
C GLN E 185 -16.95 -9.38 -28.96
N ASP E 186 -16.45 -8.45 -29.75
CA ASP E 186 -16.38 -7.06 -29.31
C ASP E 186 -17.01 -6.11 -30.33
N TRP E 187 -16.79 -4.81 -30.14
CA TRP E 187 -17.48 -3.81 -30.94
C TRP E 187 -17.02 -3.72 -32.39
N SER E 188 -16.03 -4.53 -32.77
CA SER E 188 -15.51 -4.51 -34.13
C SER E 188 -16.38 -5.35 -35.08
N GLU E 189 -17.33 -6.09 -34.52
CA GLU E 189 -18.27 -6.86 -35.32
C GLU E 189 -19.10 -5.93 -36.20
N PHE E 190 -19.54 -4.81 -35.61
CA PHE E 190 -20.31 -3.82 -36.33
C PHE E 190 -19.58 -3.29 -37.55
N VAL E 191 -18.32 -2.94 -37.38
CA VAL E 191 -17.52 -2.43 -38.50
C VAL E 191 -17.34 -3.52 -39.54
N LEU E 192 -16.88 -4.69 -39.09
CA LEU E 192 -16.54 -5.79 -39.99
C LEU E 192 -17.75 -6.27 -40.77
N ALA E 193 -18.92 -6.11 -40.18
CA ALA E 193 -20.16 -6.47 -40.84
C ALA E 193 -20.56 -5.39 -41.85
N ASP E 194 -20.37 -4.13 -41.47
CA ASP E 194 -20.69 -3.00 -42.35
C ASP E 194 -19.75 -2.97 -43.55
N LEU E 195 -18.51 -3.40 -43.35
CA LEU E 195 -17.53 -3.40 -44.42
C LEU E 195 -17.65 -4.64 -45.31
N GLY E 196 -18.61 -5.51 -45.01
CA GLY E 196 -18.85 -6.67 -45.85
C GLY E 196 -17.78 -7.74 -45.71
N ILE E 197 -16.92 -7.56 -44.71
CA ILE E 197 -15.88 -8.53 -44.38
C ILE E 197 -16.51 -9.72 -43.64
N TYR E 198 -17.57 -9.45 -42.87
CA TYR E 198 -18.36 -10.52 -42.27
C TYR E 198 -19.83 -10.38 -42.64
N ARG E 199 -20.34 -11.36 -43.39
CA ARG E 199 -21.76 -11.37 -43.76
C ARG E 199 -22.47 -12.51 -43.06
N TYR E 200 -23.42 -12.17 -42.19
CA TYR E 200 -24.16 -13.17 -41.44
C TYR E 200 -25.52 -13.43 -42.05
N GLU E 201 -26.05 -14.63 -41.83
CA GLU E 201 -27.43 -14.91 -42.19
C GLU E 201 -28.33 -14.05 -41.31
N SER E 202 -29.38 -13.52 -41.90
CA SER E 202 -30.32 -12.68 -41.16
C SER E 202 -31.53 -13.49 -40.71
N VAL E 203 -31.53 -13.93 -39.46
CA VAL E 203 -32.66 -14.64 -38.91
C VAL E 203 -33.66 -13.67 -38.31
N GLU E 204 -34.91 -13.74 -38.75
CA GLU E 204 -35.94 -12.87 -38.21
C GLU E 204 -36.47 -13.41 -36.88
N PHE E 205 -35.86 -12.98 -35.78
CA PHE E 205 -36.26 -13.43 -34.46
C PHE E 205 -37.18 -12.43 -33.75
N SER E 206 -37.78 -12.87 -32.65
CA SER E 206 -38.79 -12.09 -31.96
C SER E 206 -38.24 -10.79 -31.39
N ALA E 207 -39.14 -9.89 -30.99
CA ALA E 207 -38.73 -8.64 -30.38
C ALA E 207 -38.27 -8.87 -28.95
N ASP E 208 -38.64 -10.02 -28.40
CA ASP E 208 -38.26 -10.38 -27.03
C ASP E 208 -37.37 -11.61 -26.98
N SER E 209 -36.48 -11.74 -27.96
CA SER E 209 -35.46 -12.79 -27.94
C SER E 209 -34.31 -12.35 -27.04
N ARG E 210 -33.80 -13.30 -26.25
CA ARG E 210 -32.89 -12.96 -25.16
C ARG E 210 -31.59 -13.74 -25.18
N GLY E 211 -30.51 -13.07 -24.77
CA GLY E 211 -29.25 -13.74 -24.49
C GLY E 211 -29.36 -14.33 -23.09
N PHE E 212 -29.41 -13.45 -22.11
CA PHE E 212 -29.74 -13.85 -20.75
C PHE E 212 -31.18 -13.47 -20.45
N ARG E 213 -31.87 -14.28 -19.66
CA ARG E 213 -33.25 -14.01 -19.32
C ARG E 213 -33.35 -13.32 -17.96
N LEU E 214 -32.31 -13.48 -17.16
CA LEU E 214 -32.34 -12.99 -15.79
C LEU E 214 -30.93 -12.56 -15.35
N ARG E 215 -30.85 -11.45 -14.62
CA ARG E 215 -29.56 -10.85 -14.26
C ARG E 215 -28.65 -11.79 -13.46
N ALA E 216 -29.22 -12.58 -12.58
CA ALA E 216 -28.43 -13.47 -11.73
C ALA E 216 -27.54 -14.41 -12.54
N ASP E 217 -27.93 -14.71 -13.78
CA ASP E 217 -27.13 -15.56 -14.65
C ASP E 217 -25.97 -14.81 -15.30
N VAL E 218 -26.14 -13.50 -15.46
CA VAL E 218 -25.09 -12.66 -16.00
C VAL E 218 -23.92 -12.58 -15.02
N ASP E 219 -24.24 -12.47 -13.74
CA ASP E 219 -23.23 -12.40 -12.70
C ASP E 219 -22.46 -13.71 -12.62
N ALA E 220 -23.15 -14.82 -12.89
CA ALA E 220 -22.55 -16.14 -12.86
C ALA E 220 -21.54 -16.31 -14.00
N TYR E 221 -21.90 -15.75 -15.16
CA TYR E 221 -21.02 -15.77 -16.33
C TYR E 221 -19.73 -15.00 -16.04
N LEU E 222 -19.88 -13.80 -15.50
CA LEU E 222 -18.73 -12.96 -15.17
C LEU E 222 -17.84 -13.61 -14.12
N HIS E 223 -18.44 -14.37 -13.22
CA HIS E 223 -17.68 -14.99 -12.14
C HIS E 223 -16.81 -16.12 -12.66
N LEU E 224 -17.40 -16.96 -13.49
CA LEU E 224 -16.68 -18.07 -14.12
C LEU E 224 -15.59 -17.51 -15.03
N PHE E 225 -15.90 -16.37 -15.64
CA PHE E 225 -14.96 -15.69 -16.53
C PHE E 225 -13.72 -15.24 -15.76
N ASP E 226 -13.93 -14.69 -14.59
CA ASP E 226 -12.83 -14.20 -13.76
C ASP E 226 -12.12 -15.34 -13.04
N CYS E 227 -12.85 -16.41 -12.78
CA CYS E 227 -12.23 -17.61 -12.20
C CYS E 227 -11.21 -18.16 -13.19
N ARG E 228 -11.60 -18.19 -14.47
CA ARG E 228 -10.72 -18.62 -15.53
C ARG E 228 -9.56 -17.64 -15.69
N GLN E 229 -9.86 -16.36 -15.51
CA GLN E 229 -8.88 -15.29 -15.65
C GLN E 229 -7.74 -15.43 -14.64
N ARG E 230 -8.10 -15.57 -13.37
CA ARG E 230 -7.11 -15.72 -12.31
C ARG E 230 -6.34 -17.04 -12.44
N PHE E 231 -6.97 -18.04 -13.07
CA PHE E 231 -6.32 -19.32 -13.29
C PHE E 231 -5.19 -19.20 -14.29
N ASP E 232 -5.41 -18.41 -15.34
CA ASP E 232 -4.38 -18.13 -16.33
C ASP E 232 -3.32 -17.20 -15.76
N LEU E 233 -3.60 -16.62 -14.60
CA LEU E 233 -2.65 -15.72 -13.94
C LEU E 233 -1.84 -16.43 -12.87
N GLY E 234 -1.91 -17.76 -12.88
CA GLY E 234 -1.09 -18.58 -11.99
C GLY E 234 -1.49 -18.52 -10.53
N GLU E 235 -2.74 -18.11 -10.27
CA GLU E 235 -3.25 -18.06 -8.92
C GLU E 235 -3.48 -19.48 -8.40
N PRO E 236 -3.05 -19.76 -7.16
CA PRO E 236 -3.19 -21.09 -6.53
C PRO E 236 -4.61 -21.65 -6.63
N LEU E 237 -4.72 -22.88 -7.13
CA LEU E 237 -6.01 -23.54 -7.30
C LEU E 237 -6.80 -23.69 -6.02
N GLU E 238 -6.07 -23.89 -4.92
CA GLU E 238 -6.68 -24.11 -3.61
C GLU E 238 -7.68 -23.03 -3.24
N GLU E 239 -7.27 -21.78 -3.44
CA GLU E 239 -8.13 -20.63 -3.21
C GLU E 239 -9.18 -20.55 -4.32
N LEU E 240 -8.71 -20.74 -5.54
CA LEU E 240 -9.53 -20.63 -6.74
C LEU E 240 -10.75 -21.55 -6.69
N LEU E 241 -10.56 -22.77 -6.21
CA LEU E 241 -11.65 -23.74 -6.12
C LEU E 241 -12.76 -23.30 -5.17
N ALA E 242 -12.38 -22.63 -4.09
CA ALA E 242 -13.34 -22.14 -3.12
C ALA E 242 -14.25 -21.06 -3.73
N GLY E 243 -13.81 -20.49 -4.85
CA GLY E 243 -14.60 -19.53 -5.58
C GLY E 243 -15.72 -20.17 -6.36
N LEU E 244 -15.46 -21.34 -6.93
CA LEU E 244 -16.46 -22.10 -7.66
C LEU E 244 -17.58 -22.58 -6.75
N PRO E 245 -18.83 -22.60 -7.28
CA PRO E 245 -20.00 -23.06 -6.54
C PRO E 245 -19.97 -24.56 -6.25
N GLY E 246 -20.57 -24.97 -5.14
CA GLY E 246 -20.65 -26.37 -4.79
C GLY E 246 -21.65 -27.11 -5.66
N GLU E 247 -22.92 -26.76 -5.52
CA GLU E 247 -23.98 -27.36 -6.32
C GLU E 247 -23.96 -26.80 -7.75
N PRO E 248 -24.34 -27.62 -8.73
CA PRO E 248 -24.39 -27.22 -10.13
C PRO E 248 -25.30 -26.02 -10.39
N TYR E 249 -25.01 -25.28 -11.46
CA TYR E 249 -25.86 -24.19 -11.88
C TYR E 249 -27.17 -24.74 -12.45
N ALA E 250 -28.26 -24.02 -12.22
CA ALA E 250 -29.57 -24.39 -12.74
C ALA E 250 -29.62 -24.15 -14.25
N ASN E 251 -28.80 -23.22 -14.73
CA ASN E 251 -28.82 -22.86 -16.13
C ASN E 251 -27.88 -23.74 -16.97
N PRO E 252 -28.40 -24.29 -18.08
CA PRO E 252 -27.69 -25.19 -19.00
C PRO E 252 -26.31 -24.67 -19.44
N TRP E 253 -26.27 -23.50 -20.06
CA TRP E 253 -25.01 -22.90 -20.52
C TRP E 253 -24.02 -22.84 -19.37
N LEU E 254 -24.48 -22.22 -18.28
CA LEU E 254 -23.62 -21.92 -17.14
C LEU E 254 -23.06 -23.18 -16.47
N GLU E 255 -23.84 -24.25 -16.49
CA GLU E 255 -23.37 -25.50 -15.87
C GLU E 255 -22.26 -26.12 -16.69
N GLY E 256 -22.42 -26.15 -18.00
CA GLY E 256 -21.39 -26.65 -18.89
C GLY E 256 -20.10 -25.87 -18.78
N ARG E 257 -20.20 -24.59 -18.47
CA ARG E 257 -19.01 -23.75 -18.33
C ARG E 257 -18.33 -23.99 -16.99
N ARG E 258 -19.15 -24.11 -15.93
CA ARG E 258 -18.63 -24.39 -14.60
C ARG E 258 -17.94 -25.73 -14.60
N VAL E 259 -18.48 -26.63 -15.41
CA VAL E 259 -18.01 -28.00 -15.47
C VAL E 259 -16.82 -28.14 -16.42
N LYS E 260 -16.77 -27.27 -17.42
CA LYS E 260 -15.64 -27.22 -18.35
C LYS E 260 -14.44 -26.61 -17.63
N LEU E 261 -14.72 -25.70 -16.70
CA LEU E 261 -13.68 -25.04 -15.93
C LEU E 261 -13.05 -26.04 -14.95
N LEU E 262 -13.90 -26.84 -14.32
CA LEU E 262 -13.46 -27.89 -13.41
C LEU E 262 -12.59 -28.90 -14.14
N PHE E 263 -12.97 -29.18 -15.39
CA PHE E 263 -12.24 -30.13 -16.23
C PHE E 263 -10.81 -29.66 -16.49
N GLN E 264 -10.66 -28.36 -16.67
CA GLN E 264 -9.35 -27.79 -17.00
C GLN E 264 -8.46 -27.70 -15.77
N PHE E 265 -9.07 -27.47 -14.61
CA PHE E 265 -8.31 -27.44 -13.37
C PHE E 265 -7.69 -28.80 -13.11
N ALA E 266 -8.43 -29.85 -13.46
CA ALA E 266 -7.97 -31.21 -13.29
C ALA E 266 -6.90 -31.55 -14.33
N GLN E 267 -7.02 -30.95 -15.51
CA GLN E 267 -6.00 -31.11 -16.55
C GLN E 267 -4.67 -30.53 -16.07
N HIS E 268 -4.73 -29.35 -15.46
CA HIS E 268 -3.53 -28.71 -14.92
C HIS E 268 -2.96 -29.51 -13.76
N CYS E 269 -3.83 -29.99 -12.89
CA CYS E 269 -3.43 -30.81 -11.75
C CYS E 269 -2.75 -32.09 -12.23
N GLU E 270 -3.30 -32.69 -13.28
CA GLU E 270 -2.78 -33.95 -13.80
C GLU E 270 -1.42 -33.76 -14.45
N LYS E 271 -1.26 -32.65 -15.18
CA LYS E 271 0.02 -32.35 -15.82
C LYS E 271 1.10 -32.03 -14.80
N GLN E 272 0.71 -31.44 -13.67
CA GLN E 272 1.65 -31.13 -12.59
C GLN E 272 1.84 -32.32 -11.66
N ARG E 273 1.50 -33.51 -12.16
CA ARG E 273 1.75 -34.78 -11.48
C ARG E 273 0.97 -34.96 -10.17
N ASP E 274 -0.07 -34.16 -9.98
CA ASP E 274 -0.94 -34.33 -8.82
C ASP E 274 -2.19 -35.06 -9.23
N PHE E 275 -2.08 -36.38 -9.35
CA PHE E 275 -3.15 -37.19 -9.91
C PHE E 275 -4.28 -37.40 -8.91
N ASP E 276 -3.97 -37.27 -7.62
CA ASP E 276 -4.97 -37.50 -6.59
C ASP E 276 -6.01 -36.39 -6.54
N LEU E 277 -5.57 -35.16 -6.79
CA LEU E 277 -6.48 -34.03 -6.85
C LEU E 277 -7.17 -34.03 -8.21
N ALA E 278 -6.40 -34.30 -9.26
CA ALA E 278 -6.91 -34.33 -10.62
C ALA E 278 -8.09 -35.29 -10.74
N GLN E 279 -7.96 -36.46 -10.12
CA GLN E 279 -9.03 -37.44 -10.09
C GLN E 279 -10.28 -36.86 -9.42
N ARG E 280 -10.13 -36.38 -8.19
CA ARG E 280 -11.25 -35.83 -7.44
C ARG E 280 -11.94 -34.69 -8.18
N LEU E 281 -11.19 -33.94 -8.98
CA LEU E 281 -11.75 -32.85 -9.76
C LEU E 281 -12.50 -33.34 -11.01
N TYR E 282 -11.91 -34.29 -11.71
CA TYR E 282 -12.51 -34.85 -12.93
C TYR E 282 -13.88 -35.43 -12.65
N ARG E 283 -14.06 -35.94 -11.44
CA ARG E 283 -15.30 -36.60 -11.06
C ARG E 283 -16.38 -35.61 -10.62
N GLN E 284 -15.97 -34.38 -10.36
CA GLN E 284 -16.94 -33.33 -10.04
C GLN E 284 -17.47 -32.74 -11.34
N SER E 285 -16.79 -33.07 -12.43
CA SER E 285 -17.12 -32.56 -13.76
C SER E 285 -17.94 -33.53 -14.58
N SER E 286 -18.85 -32.98 -15.39
CA SER E 286 -19.67 -33.79 -16.28
C SER E 286 -19.29 -33.46 -17.72
N HIS E 287 -18.17 -32.77 -17.87
CA HIS E 287 -17.63 -32.44 -19.18
C HIS E 287 -17.30 -33.72 -19.92
N PRO E 288 -17.59 -33.75 -21.24
CA PRO E 288 -17.31 -34.94 -22.05
C PRO E 288 -15.84 -35.35 -21.98
N GLY E 289 -15.59 -36.55 -21.47
CA GLY E 289 -14.24 -37.06 -21.37
C GLY E 289 -13.64 -36.94 -19.99
N ALA E 290 -14.36 -36.28 -19.08
CA ALA E 290 -13.87 -36.11 -17.72
C ALA E 290 -13.77 -37.45 -16.98
N ARG E 291 -14.82 -38.26 -17.06
CA ARG E 291 -14.86 -39.51 -16.33
C ARG E 291 -13.75 -40.45 -16.79
N LEU E 292 -13.45 -40.43 -18.09
CA LEU E 292 -12.35 -41.21 -18.64
C LEU E 292 -11.00 -40.72 -18.13
N ARG E 293 -10.87 -39.40 -17.96
CA ARG E 293 -9.64 -38.84 -17.44
C ARG E 293 -9.49 -39.17 -15.96
N ALA E 294 -10.63 -39.33 -15.28
CA ALA E 294 -10.64 -39.67 -13.87
C ALA E 294 -10.05 -41.06 -13.65
N ILE E 295 -10.39 -41.98 -14.54
CA ILE E 295 -9.87 -43.34 -14.48
C ILE E 295 -8.37 -43.39 -14.73
N ARG E 296 -7.91 -42.70 -15.77
CA ARG E 296 -6.50 -42.72 -16.14
C ARG E 296 -5.65 -42.00 -15.09
N SER E 297 -6.28 -41.07 -14.37
CA SER E 297 -5.61 -40.37 -13.28
C SER E 297 -5.49 -41.29 -12.07
N LEU E 298 -6.55 -42.05 -11.81
CA LEU E 298 -6.52 -43.06 -10.75
C LEU E 298 -5.47 -44.14 -11.06
N GLU E 299 -5.21 -44.38 -12.35
CA GLU E 299 -4.24 -45.38 -12.75
C GLU E 299 -2.82 -44.87 -12.52
N ARG E 300 -2.58 -43.62 -12.90
CA ARG E 300 -1.28 -42.99 -12.73
C ARG E 300 -0.97 -42.71 -11.26
N GLY E 301 -2.01 -42.72 -10.44
CA GLY E 301 -1.84 -42.57 -9.00
C GLY E 301 -1.67 -43.94 -8.36
N GLU E 302 -1.63 -44.96 -9.22
CA GLU E 302 -1.51 -46.35 -8.79
C GLU E 302 -2.60 -46.75 -7.81
N ARG E 303 -3.80 -46.22 -8.04
CA ARG E 303 -4.98 -46.60 -7.27
C ARG E 303 -5.85 -47.50 -8.16
N PHE E 304 -5.31 -48.67 -8.50
CA PHE E 304 -5.89 -49.53 -9.54
C PHE E 304 -7.29 -50.06 -9.22
N ALA E 305 -7.49 -50.49 -7.98
CA ALA E 305 -8.78 -51.03 -7.58
C ALA E 305 -9.90 -50.01 -7.77
N GLU E 306 -9.62 -48.75 -7.44
CA GLU E 306 -10.60 -47.68 -7.59
C GLU E 306 -10.82 -47.37 -9.07
N ALA E 307 -9.72 -47.37 -9.81
CA ALA E 307 -9.75 -47.10 -11.24
C ALA E 307 -10.54 -48.16 -11.99
N HIS E 308 -10.45 -49.39 -11.49
CA HIS E 308 -11.13 -50.53 -12.11
C HIS E 308 -12.62 -50.49 -11.81
N ALA E 309 -12.94 -50.03 -10.60
CA ALA E 309 -14.33 -49.94 -10.18
C ALA E 309 -15.06 -48.90 -11.02
N LEU E 310 -14.40 -47.77 -11.27
CA LEU E 310 -15.00 -46.70 -12.06
C LEU E 310 -15.07 -47.09 -13.53
N ALA E 311 -14.05 -47.81 -14.00
CA ALA E 311 -14.01 -48.27 -15.38
C ALA E 311 -15.15 -49.24 -15.68
N ARG E 312 -15.41 -50.14 -14.74
CA ARG E 312 -16.48 -51.11 -14.91
C ARG E 312 -17.83 -50.39 -14.86
N GLU E 313 -17.90 -49.34 -14.03
CA GLU E 313 -19.10 -48.53 -13.90
C GLU E 313 -19.33 -47.78 -15.21
N ALA E 314 -18.23 -47.32 -15.80
CA ALA E 314 -18.28 -46.58 -17.06
C ALA E 314 -18.69 -47.47 -18.21
N SER E 315 -18.04 -48.63 -18.32
CA SER E 315 -18.28 -49.53 -19.44
C SER E 315 -19.70 -50.09 -19.46
N CYS E 316 -20.38 -50.03 -18.32
CA CYS E 316 -21.77 -50.47 -18.25
C CYS E 316 -22.69 -49.44 -18.90
N ALA E 317 -22.35 -48.17 -18.75
CA ALA E 317 -23.15 -47.10 -19.34
C ALA E 317 -22.24 -45.98 -19.82
N PRO E 318 -21.56 -46.20 -20.96
CA PRO E 318 -20.59 -45.24 -21.50
C PRO E 318 -21.27 -43.97 -22.00
N GLU E 319 -20.56 -42.84 -21.93
CA GLU E 319 -21.13 -41.57 -22.34
C GLU E 319 -21.05 -41.34 -23.85
N SER E 320 -20.21 -42.11 -24.53
CA SER E 320 -20.04 -41.97 -25.97
C SER E 320 -19.28 -43.16 -26.56
N ASP E 321 -19.26 -43.25 -27.88
CA ASP E 321 -18.43 -44.25 -28.55
C ASP E 321 -16.97 -43.88 -28.38
N ALA E 322 -16.71 -42.61 -28.10
CA ALA E 322 -15.36 -42.15 -27.85
C ALA E 322 -14.86 -42.72 -26.54
N GLU E 323 -15.73 -42.75 -25.53
CA GLU E 323 -15.38 -43.30 -24.22
C GLU E 323 -15.24 -44.82 -24.32
N ARG E 324 -16.04 -45.43 -25.19
CA ARG E 324 -16.06 -46.88 -25.34
C ARG E 324 -14.71 -47.41 -25.79
N GLN E 325 -14.06 -46.69 -26.71
CA GLN E 325 -12.78 -47.12 -27.25
C GLN E 325 -11.62 -46.68 -26.36
N GLY E 326 -11.90 -45.72 -25.48
CA GLY E 326 -10.93 -45.33 -24.46
C GLY E 326 -10.90 -46.38 -23.37
N LEU E 327 -12.09 -46.82 -22.95
CA LEU E 327 -12.23 -47.90 -21.98
C LEU E 327 -11.65 -49.20 -22.51
N ALA E 328 -11.75 -49.40 -23.83
CA ALA E 328 -11.31 -50.63 -24.45
C ALA E 328 -9.81 -50.88 -24.26
N ARG E 329 -9.06 -49.81 -24.04
CA ARG E 329 -7.64 -49.95 -23.74
C ARG E 329 -7.39 -49.91 -22.24
N LEU E 330 -8.14 -49.05 -21.55
CA LEU E 330 -7.99 -48.89 -20.10
C LEU E 330 -8.32 -50.15 -19.31
N LEU E 331 -9.44 -50.79 -19.64
CA LEU E 331 -9.91 -51.96 -18.91
C LEU E 331 -8.94 -53.16 -18.87
N PRO E 332 -8.43 -53.60 -20.05
CA PRO E 332 -7.53 -54.75 -20.01
C PRO E 332 -6.25 -54.45 -19.23
N ARG E 333 -5.74 -53.23 -19.40
CA ARG E 333 -4.55 -52.81 -18.68
C ARG E 333 -4.82 -52.79 -17.18
N LEU E 334 -6.02 -52.35 -16.81
CA LEU E 334 -6.40 -52.30 -15.42
C LEU E 334 -6.58 -53.69 -14.84
N GLN E 335 -7.18 -54.58 -15.62
CA GLN E 335 -7.40 -55.95 -15.15
C GLN E 335 -6.08 -56.66 -14.95
N GLY E 336 -5.06 -56.21 -15.69
CA GLY E 336 -3.73 -56.78 -15.57
C GLY E 336 -3.03 -56.36 -14.29
N LYS E 337 -3.17 -55.09 -13.92
CA LYS E 337 -2.56 -54.59 -12.69
C LYS E 337 -3.24 -55.17 -11.46
N LEU E 338 -4.49 -55.57 -11.61
CA LEU E 338 -5.15 -56.37 -10.58
C LEU E 338 -4.90 -57.84 -10.91
N GLY E 339 -5.51 -58.74 -10.15
CA GLY E 339 -5.28 -60.15 -10.34
C GLY E 339 -5.97 -60.74 -11.56
N LEU E 340 -6.95 -60.00 -12.10
CA LEU E 340 -7.82 -60.53 -13.14
C LEU E 340 -7.09 -60.90 -14.43
N PRO E 341 -7.63 -61.88 -15.17
CA PRO E 341 -7.15 -62.20 -16.52
C PRO E 341 -7.83 -61.30 -17.55
N ARG E 342 -7.13 -60.94 -18.62
CA ARG E 342 -7.73 -60.11 -19.67
C ARG E 342 -8.66 -60.96 -20.53
N GLN E 343 -9.75 -60.36 -20.97
CA GLN E 343 -10.71 -61.04 -21.83
C GLN E 343 -10.40 -60.77 -23.30
N ALA E 344 -10.69 -61.75 -24.15
CA ALA E 344 -10.41 -61.65 -25.58
C ALA E 344 -11.08 -60.45 -26.23
N ARG E 345 -10.28 -59.42 -26.52
CA ARG E 345 -10.79 -58.20 -27.12
C ARG E 345 -10.70 -58.30 -28.65
N ALA E 346 -11.46 -59.23 -29.22
CA ALA E 346 -11.47 -59.44 -30.66
C ALA E 346 -11.89 -58.17 -31.39
N ALA E 347 -11.11 -57.79 -32.40
CA ALA E 347 -11.30 -56.50 -33.07
C ALA E 347 -12.51 -56.46 -34.02
N ALA E 348 -12.70 -55.30 -34.65
CA ALA E 348 -13.79 -55.09 -35.61
C ALA E 348 -13.26 -55.25 -37.03
N PRO E 349 -14.15 -55.47 -38.01
CA PRO E 349 -13.77 -55.56 -39.43
C PRO E 349 -12.82 -54.45 -39.87
N GLU E 350 -11.90 -54.78 -40.78
CA GLU E 350 -10.87 -53.84 -41.19
C GLU E 350 -11.15 -53.11 -42.50
N ILE E 351 -11.03 -51.78 -42.45
CA ILE E 351 -11.18 -50.96 -43.64
C ILE E 351 -10.03 -51.24 -44.60
N ASP E 352 -10.25 -50.94 -45.88
CA ASP E 352 -9.27 -51.23 -46.92
C ASP E 352 -7.97 -50.46 -46.72
N ARG E 353 -6.85 -51.11 -47.03
CA ARG E 353 -5.53 -50.50 -46.86
C ARG E 353 -4.88 -50.26 -48.22
N LEU E 354 -4.08 -49.19 -48.29
CA LEU E 354 -3.39 -48.82 -49.52
C LEU E 354 -2.03 -48.25 -49.14
N ASP E 355 -0.96 -48.85 -49.68
CA ASP E 355 0.39 -48.47 -49.27
C ASP E 355 1.20 -47.79 -50.38
N LEU E 356 2.01 -46.81 -49.98
CA LEU E 356 2.92 -46.13 -50.89
C LEU E 356 4.35 -46.14 -50.33
N CYS E 357 5.32 -45.82 -51.16
CA CYS E 357 6.73 -46.10 -50.88
C CYS E 357 7.51 -45.00 -50.15
N LEU E 358 6.83 -44.20 -49.33
CA LEU E 358 7.43 -43.03 -48.69
C LEU E 358 8.13 -42.19 -49.75
N ALA E 359 7.44 -41.95 -50.86
CA ALA E 359 8.00 -41.32 -52.05
C ALA E 359 8.82 -40.08 -51.74
N PHE E 360 10.05 -40.06 -52.23
CA PHE E 360 11.01 -39.00 -51.92
C PHE E 360 10.52 -37.64 -52.38
N PRO E 361 10.22 -36.75 -51.42
CA PRO E 361 9.56 -35.46 -51.65
C PRO E 361 10.41 -34.46 -52.43
N SER E 362 9.78 -33.76 -53.38
CA SER E 362 10.48 -32.83 -54.26
C SER E 362 11.05 -31.64 -53.49
N GLU E 363 10.18 -30.90 -52.82
CA GLU E 363 10.59 -29.71 -52.07
C GLU E 363 9.94 -29.76 -50.69
N PRO E 364 10.14 -28.72 -49.86
CA PRO E 364 9.29 -28.62 -48.68
C PRO E 364 7.79 -28.66 -49.05
N CYS E 365 7.11 -29.69 -48.56
CA CYS E 365 5.70 -29.92 -48.86
C CYS E 365 5.15 -30.94 -47.86
N SER E 366 3.83 -31.12 -47.87
CA SER E 366 3.18 -32.04 -46.93
C SER E 366 2.84 -33.38 -47.58
N VAL E 367 2.63 -34.39 -46.73
CA VAL E 367 2.32 -35.74 -47.18
C VAL E 367 0.99 -35.79 -47.93
N GLU E 368 -0.04 -35.24 -47.31
CA GLU E 368 -1.39 -35.24 -47.88
C GLU E 368 -1.45 -34.66 -49.30
N TRP E 369 -0.80 -33.52 -49.50
CA TRP E 369 -0.82 -32.84 -50.80
C TRP E 369 -0.15 -33.67 -51.89
N ALA E 370 0.86 -34.44 -51.51
CA ALA E 370 1.60 -35.27 -52.46
C ALA E 370 0.75 -36.43 -52.95
N VAL E 371 0.06 -37.09 -52.04
CA VAL E 371 -0.80 -38.23 -52.38
C VAL E 371 -1.87 -37.83 -53.40
N ARG E 372 -2.43 -36.64 -53.23
CA ARG E 372 -3.47 -36.15 -54.14
C ARG E 372 -2.90 -35.93 -55.54
N GLU E 373 -1.66 -35.44 -55.59
CA GLU E 373 -0.94 -35.25 -56.85
C GLU E 373 -0.67 -36.59 -57.51
N HIS E 374 -0.41 -37.60 -56.70
CA HIS E 374 -0.07 -38.93 -57.19
C HIS E 374 -1.31 -39.69 -57.66
N LEU E 375 -2.41 -39.52 -56.93
CA LEU E 375 -3.67 -40.18 -57.27
C LEU E 375 -4.36 -39.51 -58.45
N GLU E 376 -3.69 -38.52 -59.04
CA GLU E 376 -4.20 -37.87 -60.24
C GLU E 376 -4.16 -38.84 -61.42
N GLU E 377 -5.22 -38.81 -62.22
CA GLU E 377 -5.37 -39.73 -63.34
C GLU E 377 -6.44 -39.14 -64.26
N PRO E 378 -6.37 -39.46 -65.57
CA PRO E 378 -7.34 -38.97 -66.56
C PRO E 378 -8.79 -39.00 -66.09
N GLY E 379 -9.31 -40.18 -65.78
CA GLY E 379 -10.69 -40.32 -65.37
C GLY E 379 -10.94 -39.98 -63.91
N CYS E 380 -9.88 -39.85 -63.12
CA CYS E 380 -10.02 -39.64 -61.68
C CYS E 380 -9.55 -38.28 -61.19
N ALA E 381 -10.46 -37.52 -60.59
CA ALA E 381 -10.10 -36.27 -59.93
C ALA E 381 -10.09 -36.44 -58.42
N VAL E 382 -9.07 -35.90 -57.76
CA VAL E 382 -8.90 -36.06 -56.32
C VAL E 382 -8.84 -34.71 -55.61
N HIS E 383 -9.53 -34.60 -54.49
CA HIS E 383 -9.59 -33.35 -53.73
C HIS E 383 -9.12 -33.53 -52.30
N TYR E 384 -8.80 -32.41 -51.64
CA TYR E 384 -8.39 -32.40 -50.24
C TYR E 384 -9.41 -31.59 -49.45
N VAL E 385 -10.25 -32.28 -48.69
CA VAL E 385 -11.39 -31.64 -48.05
C VAL E 385 -11.76 -32.24 -46.69
N GLU E 386 -10.78 -32.47 -45.83
CA GLU E 386 -11.05 -33.10 -44.54
C GLU E 386 -12.12 -32.34 -43.74
N ASN E 387 -13.24 -33.02 -43.51
CA ASN E 387 -14.43 -32.43 -42.86
C ASN E 387 -15.15 -31.37 -43.70
N GLY E 388 -14.41 -30.71 -44.58
CA GLY E 388 -14.96 -29.63 -45.37
C GLY E 388 -16.11 -30.01 -46.27
N LEU E 389 -15.98 -31.13 -46.98
CA LEU E 389 -16.96 -31.51 -48.00
C LEU E 389 -18.31 -31.92 -47.41
N ILE E 390 -18.30 -32.83 -46.44
CA ILE E 390 -19.54 -33.39 -45.92
C ILE E 390 -20.28 -32.42 -44.99
N ASN E 391 -19.52 -31.66 -44.19
CA ASN E 391 -20.11 -30.63 -43.35
C ASN E 391 -20.80 -29.54 -44.17
N SER E 392 -20.20 -29.18 -45.30
CA SER E 392 -20.78 -28.19 -46.21
C SER E 392 -22.05 -28.71 -46.88
N LEU E 393 -22.02 -29.96 -47.32
CA LEU E 393 -23.18 -30.53 -47.99
C LEU E 393 -24.35 -30.65 -47.01
N PHE E 394 -24.02 -30.98 -45.75
CA PHE E 394 -25.03 -31.04 -44.71
C PHE E 394 -25.50 -29.64 -44.34
N GLY E 395 -24.59 -28.68 -44.39
CA GLY E 395 -24.91 -27.30 -44.06
C GLY E 395 -25.85 -26.65 -45.05
N LEU E 396 -25.73 -27.03 -46.32
CA LEU E 396 -26.56 -26.45 -47.38
C LEU E 396 -27.96 -27.04 -47.38
N LEU E 397 -28.06 -28.36 -47.20
CA LEU E 397 -29.35 -29.02 -47.27
C LEU E 397 -30.22 -28.66 -46.07
N CYS E 398 -29.60 -28.44 -44.92
CA CYS E 398 -30.33 -28.14 -43.69
C CYS E 398 -30.15 -26.70 -43.27
N TRP E 399 -30.00 -25.81 -44.24
CA TRP E 399 -29.77 -24.40 -43.95
C TRP E 399 -30.98 -23.76 -43.25
N GLU E 400 -32.16 -24.02 -43.77
CA GLU E 400 -33.39 -23.48 -43.19
C GLU E 400 -33.68 -24.08 -41.82
N ALA E 401 -33.09 -25.23 -41.54
CA ALA E 401 -33.26 -25.87 -40.24
C ALA E 401 -32.27 -25.30 -39.22
N ILE E 402 -31.02 -25.15 -39.63
CA ILE E 402 -29.98 -24.60 -38.76
C ILE E 402 -30.30 -23.16 -38.38
N PHE E 403 -30.66 -22.36 -39.38
CA PHE E 403 -31.00 -20.96 -39.16
C PHE E 403 -32.50 -20.77 -38.99
N ALA E 404 -33.14 -21.72 -38.33
CA ALA E 404 -34.56 -21.61 -38.00
C ALA E 404 -34.72 -20.53 -36.94
N ALA E 405 -35.86 -19.85 -36.95
CA ALA E 405 -36.13 -18.78 -36.01
C ALA E 405 -36.65 -19.30 -34.67
N ILE E 406 -36.07 -20.41 -34.22
CA ILE E 406 -36.39 -20.98 -32.93
C ILE E 406 -36.12 -19.96 -31.84
N PRO E 407 -37.09 -19.76 -30.93
CA PRO E 407 -36.89 -18.82 -29.82
C PRO E 407 -35.71 -19.23 -28.94
N GLY E 408 -34.78 -18.31 -28.72
CA GLY E 408 -33.62 -18.57 -27.91
C GLY E 408 -32.38 -18.79 -28.75
N ALA E 409 -32.58 -19.21 -29.99
CA ALA E 409 -31.47 -19.52 -30.89
C ALA E 409 -30.71 -18.27 -31.29
N PHE E 410 -31.46 -17.25 -31.71
CA PHE E 410 -30.86 -15.98 -32.13
C PHE E 410 -31.43 -14.82 -31.32
N PHE E 411 -30.58 -13.85 -31.03
CA PHE E 411 -30.99 -12.69 -30.24
C PHE E 411 -30.16 -11.42 -30.50
N HIS E 412 -29.39 -11.44 -31.58
CA HIS E 412 -28.70 -10.25 -32.08
C HIS E 412 -28.24 -10.51 -33.51
N PRO E 413 -27.64 -9.51 -34.18
CA PRO E 413 -26.98 -9.87 -35.44
C PRO E 413 -25.70 -10.65 -35.15
N PHE E 414 -24.81 -10.76 -36.13
CA PHE E 414 -23.50 -11.39 -35.91
C PHE E 414 -23.59 -12.83 -35.37
N HIS E 415 -24.58 -13.57 -35.82
CA HIS E 415 -24.71 -14.98 -35.45
C HIS E 415 -24.15 -15.88 -36.55
N SER E 416 -23.18 -16.72 -36.19
CA SER E 416 -22.67 -17.72 -37.11
C SER E 416 -23.52 -18.97 -37.04
N ALA E 417 -24.04 -19.25 -35.84
CA ALA E 417 -24.84 -20.43 -35.60
C ALA E 417 -25.85 -20.15 -34.50
N PRO E 418 -26.93 -20.94 -34.43
CA PRO E 418 -27.84 -20.82 -33.29
C PRO E 418 -27.13 -21.14 -31.99
N ALA E 419 -27.45 -20.39 -30.93
CA ALA E 419 -26.78 -20.53 -29.65
C ALA E 419 -26.99 -21.91 -29.02
N ASP E 420 -28.04 -22.59 -29.42
CA ASP E 420 -28.36 -23.89 -28.85
C ASP E 420 -27.84 -25.02 -29.74
N LEU E 421 -26.80 -24.72 -30.50
CA LEU E 421 -26.22 -25.69 -31.42
C LEU E 421 -25.68 -26.91 -30.67
N HIS E 422 -25.11 -26.68 -29.50
CA HIS E 422 -24.50 -27.77 -28.71
C HIS E 422 -25.45 -28.40 -27.71
N SER E 423 -26.71 -27.96 -27.73
CA SER E 423 -27.70 -28.52 -26.83
C SER E 423 -28.07 -29.93 -27.28
N ALA E 424 -28.46 -30.78 -26.33
CA ALA E 424 -28.76 -32.17 -26.62
C ALA E 424 -30.14 -32.36 -27.25
N ASP E 425 -30.93 -31.28 -27.28
CA ASP E 425 -32.24 -31.32 -27.93
C ASP E 425 -32.28 -30.33 -29.08
N PHE E 426 -31.10 -30.05 -29.64
CA PHE E 426 -30.97 -29.17 -30.80
C PHE E 426 -31.76 -29.70 -31.99
N ARG E 427 -31.66 -31.00 -32.21
CA ARG E 427 -32.36 -31.64 -33.32
C ARG E 427 -33.86 -31.65 -33.12
N GLN E 428 -34.29 -31.96 -31.90
CA GLN E 428 -35.71 -32.10 -31.57
C GLN E 428 -36.53 -30.82 -31.79
N ARG E 429 -35.98 -29.69 -31.38
CA ARG E 429 -36.68 -28.41 -31.51
C ARG E 429 -36.92 -28.05 -32.98
N ARG E 430 -36.18 -28.71 -33.86
CA ARG E 430 -36.30 -28.48 -35.29
C ARG E 430 -36.57 -29.79 -36.01
N ALA E 431 -37.09 -30.77 -35.26
CA ALA E 431 -37.29 -32.13 -35.76
C ALA E 431 -38.14 -32.17 -37.03
N ALA E 432 -39.15 -31.32 -37.09
CA ALA E 432 -39.99 -31.23 -38.27
C ALA E 432 -39.20 -30.68 -39.46
N LEU E 433 -38.39 -29.66 -39.21
CA LEU E 433 -37.64 -29.00 -40.29
C LEU E 433 -36.56 -29.89 -40.87
N PHE E 434 -35.91 -30.69 -40.02
CA PHE E 434 -34.84 -31.57 -40.46
C PHE E 434 -35.34 -32.71 -41.33
N GLU E 435 -36.46 -33.32 -40.94
CA GLU E 435 -37.04 -34.40 -41.72
C GLU E 435 -37.54 -33.87 -43.06
N ALA E 436 -37.84 -32.57 -43.11
CA ALA E 436 -38.32 -31.93 -44.32
C ALA E 436 -37.15 -31.62 -45.26
N CYS E 437 -35.96 -31.46 -44.69
CA CYS E 437 -34.76 -31.19 -45.46
C CYS E 437 -34.10 -32.47 -45.93
N LEU E 438 -34.01 -33.44 -45.04
CA LEU E 438 -33.47 -34.75 -45.40
C LEU E 438 -34.50 -35.54 -46.20
N GLY E 439 -35.73 -35.02 -46.25
CA GLY E 439 -36.78 -35.63 -47.03
C GLY E 439 -36.59 -35.31 -48.50
N ARG E 440 -35.90 -34.21 -48.76
CA ARG E 440 -35.54 -33.81 -50.12
C ARG E 440 -34.47 -34.73 -50.67
N LEU E 441 -33.84 -35.48 -49.77
CA LEU E 441 -32.73 -36.36 -50.12
C LEU E 441 -33.23 -37.69 -50.66
N GLU E 442 -34.55 -37.86 -50.63
CA GLU E 442 -35.17 -39.10 -51.10
C GLU E 442 -35.72 -38.94 -52.52
N ASP E 443 -36.47 -37.87 -52.76
CA ASP E 443 -36.84 -37.51 -54.14
C ASP E 443 -35.72 -36.68 -54.76
N GLY E 444 -35.91 -36.23 -56.00
CA GLY E 444 -34.83 -35.60 -56.74
C GLY E 444 -34.34 -34.26 -56.23
N SER E 445 -35.15 -33.62 -55.39
CA SER E 445 -34.97 -32.21 -55.05
C SER E 445 -33.61 -31.82 -54.45
N TYR E 446 -32.98 -32.75 -53.73
CA TYR E 446 -31.75 -32.45 -53.00
C TYR E 446 -30.61 -31.90 -53.87
N ARG E 447 -30.40 -32.48 -55.04
CA ARG E 447 -29.33 -32.05 -55.94
C ARG E 447 -29.50 -30.59 -56.34
N ASP E 448 -30.74 -30.21 -56.66
CA ASP E 448 -31.04 -28.85 -57.08
C ASP E 448 -31.17 -27.91 -55.88
N ALA E 449 -31.64 -28.44 -54.76
CA ALA E 449 -31.79 -27.65 -53.53
C ALA E 449 -30.45 -27.13 -53.04
N ILE E 450 -29.41 -27.96 -53.14
CA ILE E 450 -28.07 -27.56 -52.76
C ILE E 450 -27.56 -26.45 -53.67
N ARG E 451 -27.73 -26.63 -54.98
CA ARG E 451 -27.24 -25.67 -55.98
C ARG E 451 -27.84 -24.28 -55.79
N CYS E 452 -29.04 -24.23 -55.19
CA CYS E 452 -29.72 -22.96 -54.96
C CYS E 452 -29.20 -22.28 -53.69
N ARG E 453 -28.98 -23.07 -52.65
CA ARG E 453 -28.39 -22.57 -51.41
C ARG E 453 -27.03 -21.96 -51.70
N TYR E 454 -26.24 -22.70 -52.48
CA TYR E 454 -24.88 -22.31 -52.84
C TYR E 454 -24.85 -20.90 -53.42
N ARG E 455 -25.78 -20.63 -54.34
CA ARG E 455 -25.82 -19.32 -55.01
C ARG E 455 -26.41 -18.24 -54.11
N ASP E 456 -27.46 -18.61 -53.36
CA ASP E 456 -28.15 -17.68 -52.48
C ASP E 456 -27.32 -17.33 -51.25
N LYS E 457 -26.88 -18.35 -50.52
CA LYS E 457 -26.27 -18.16 -49.20
C LYS E 457 -24.75 -18.02 -49.21
N PHE E 458 -24.15 -17.94 -50.39
CA PHE E 458 -22.69 -17.88 -50.53
C PHE E 458 -22.06 -16.76 -49.69
N GLY E 459 -21.03 -17.12 -48.92
CA GLY E 459 -20.27 -16.16 -48.16
C GLY E 459 -20.76 -15.97 -46.74
N LEU E 460 -22.02 -16.31 -46.51
CA LEU E 460 -22.62 -16.17 -45.18
C LEU E 460 -21.89 -16.98 -44.12
N GLN E 461 -21.65 -16.36 -42.97
CA GLN E 461 -21.01 -17.05 -41.85
C GLN E 461 -21.91 -18.17 -41.34
N SER E 462 -21.36 -19.38 -41.27
CA SER E 462 -22.11 -20.54 -40.82
C SER E 462 -21.17 -21.59 -40.22
N PRO E 463 -21.70 -22.46 -39.34
CA PRO E 463 -20.84 -23.42 -38.66
C PRO E 463 -20.51 -24.67 -39.49
N PHE E 464 -21.05 -24.78 -40.69
CA PHE E 464 -20.89 -26.01 -41.47
C PHE E 464 -20.31 -25.82 -42.87
N VAL E 465 -20.75 -24.77 -43.57
CA VAL E 465 -20.35 -24.58 -44.96
C VAL E 465 -19.01 -23.90 -45.13
N TYR E 466 -18.10 -24.57 -45.83
CA TYR E 466 -16.77 -24.05 -46.13
C TYR E 466 -16.75 -23.44 -47.53
N TRP E 467 -17.11 -22.17 -47.64
CA TRP E 467 -17.25 -21.51 -48.95
C TRP E 467 -15.94 -21.47 -49.74
N GLU E 468 -14.84 -21.23 -49.02
CA GLU E 468 -13.53 -21.09 -49.66
C GLU E 468 -13.02 -22.38 -50.26
N LEU E 469 -13.56 -23.51 -49.79
CA LEU E 469 -13.11 -24.82 -50.24
C LEU E 469 -14.12 -25.48 -51.17
N LEU E 470 -15.39 -25.19 -50.96
CA LEU E 470 -16.43 -25.78 -51.79
C LEU E 470 -16.52 -25.04 -53.12
N GLY E 471 -15.53 -25.27 -53.98
CA GLY E 471 -15.51 -24.70 -55.32
C GLY E 471 -16.62 -25.29 -56.17
N GLU E 472 -16.90 -24.65 -57.29
CA GLU E 472 -18.04 -25.04 -58.12
C GLU E 472 -17.88 -26.46 -58.71
N GLU E 473 -16.65 -26.83 -59.08
CA GLU E 473 -16.41 -28.15 -59.65
C GLU E 473 -16.58 -29.25 -58.61
N LEU E 474 -15.96 -29.06 -57.44
CA LEU E 474 -16.06 -30.02 -56.34
C LEU E 474 -17.50 -30.27 -55.93
N LEU E 475 -18.32 -29.22 -56.03
CA LEU E 475 -19.73 -29.31 -55.66
C LEU E 475 -20.51 -30.27 -56.58
N GLU E 476 -20.51 -29.97 -57.87
CA GLU E 476 -21.27 -30.75 -58.83
C GLU E 476 -20.66 -32.13 -59.13
N GLN E 477 -19.38 -32.30 -58.81
CA GLN E 477 -18.76 -33.62 -58.92
C GLN E 477 -19.26 -34.49 -57.78
N ALA E 478 -19.45 -33.88 -56.62
CA ALA E 478 -19.96 -34.58 -55.45
C ALA E 478 -21.44 -34.92 -55.62
N LEU E 479 -22.20 -34.00 -56.18
CA LEU E 479 -23.63 -34.21 -56.38
C LEU E 479 -23.96 -35.34 -57.35
N ASP E 480 -23.03 -35.67 -58.24
CA ASP E 480 -23.25 -36.77 -59.18
C ASP E 480 -22.84 -38.11 -58.57
N CYS E 481 -21.66 -38.14 -57.97
CA CYS E 481 -21.06 -39.36 -57.46
C CYS E 481 -21.66 -39.85 -56.14
N LEU E 482 -21.61 -39.00 -55.11
CA LEU E 482 -22.11 -39.35 -53.78
C LEU E 482 -23.57 -39.77 -53.80
N PRO E 483 -23.86 -41.01 -53.39
CA PRO E 483 -25.23 -41.54 -53.32
C PRO E 483 -26.05 -40.81 -52.28
N ALA E 484 -27.33 -40.58 -52.56
CA ALA E 484 -28.22 -39.92 -51.62
C ALA E 484 -28.39 -40.74 -50.35
N ALA E 485 -28.46 -42.06 -50.51
CA ALA E 485 -28.59 -42.96 -49.36
C ALA E 485 -27.36 -42.91 -48.48
N HIS E 486 -26.22 -42.64 -49.10
CA HIS E 486 -24.98 -42.45 -48.36
C HIS E 486 -24.99 -41.10 -47.66
N LEU E 487 -25.51 -40.09 -48.33
CA LEU E 487 -25.57 -38.74 -47.79
C LEU E 487 -26.46 -38.71 -46.55
N ARG E 488 -27.46 -39.58 -46.53
CA ARG E 488 -28.33 -39.71 -45.36
C ARG E 488 -27.51 -40.17 -44.16
N ALA E 489 -26.96 -41.37 -44.25
CA ALA E 489 -26.22 -42.00 -43.16
C ALA E 489 -25.19 -41.07 -42.50
N TRP E 490 -24.56 -40.23 -43.31
CA TRP E 490 -23.59 -39.28 -42.80
C TRP E 490 -24.27 -38.18 -42.01
N PHE E 491 -25.29 -37.58 -42.61
CA PHE E 491 -26.03 -36.48 -41.99
C PHE E 491 -26.70 -36.92 -40.71
N GLU E 492 -27.15 -38.18 -40.67
CA GLU E 492 -27.78 -38.72 -39.47
C GLU E 492 -26.75 -38.84 -38.35
N ARG E 493 -25.55 -39.30 -38.69
CA ARG E 493 -24.51 -39.50 -37.68
C ARG E 493 -24.07 -38.17 -37.09
N LEU E 494 -24.09 -37.11 -37.89
CA LEU E 494 -23.77 -35.77 -37.42
C LEU E 494 -24.78 -35.31 -36.38
N LEU E 495 -26.04 -35.68 -36.58
CA LEU E 495 -27.10 -35.25 -35.68
C LEU E 495 -27.16 -36.09 -34.40
N GLU E 496 -26.47 -37.23 -34.38
CA GLU E 496 -26.38 -38.01 -33.16
C GLU E 496 -25.60 -37.17 -32.16
N ASP E 497 -24.55 -36.53 -32.66
CA ASP E 497 -23.66 -35.75 -31.83
C ASP E 497 -22.85 -34.82 -32.72
N ILE E 498 -23.32 -33.59 -32.87
CA ILE E 498 -22.64 -32.61 -33.71
C ILE E 498 -21.21 -32.28 -33.25
N PRO E 499 -21.02 -31.92 -31.96
CA PRO E 499 -19.66 -31.59 -31.57
C PRO E 499 -18.70 -32.79 -31.63
N GLY E 500 -19.25 -34.00 -31.52
CA GLY E 500 -18.43 -35.19 -31.45
C GLY E 500 -18.22 -35.83 -32.81
N ASN E 501 -19.05 -35.43 -33.77
CA ASN E 501 -18.94 -35.95 -35.12
C ASN E 501 -18.77 -34.83 -36.15
N ARG E 502 -18.32 -33.67 -35.69
CA ARG E 502 -18.05 -32.57 -36.61
C ARG E 502 -16.78 -32.87 -37.40
N ALA E 503 -15.84 -33.55 -36.74
CA ALA E 503 -14.55 -33.87 -37.33
C ALA E 503 -14.32 -35.38 -37.40
N GLY E 504 -13.15 -35.76 -37.91
CA GLY E 504 -12.81 -37.17 -38.03
C GLY E 504 -12.92 -37.73 -39.43
N LEU E 505 -13.21 -36.88 -40.41
CA LEU E 505 -13.35 -37.34 -41.80
C LEU E 505 -12.00 -37.41 -42.51
N PRO E 506 -11.85 -38.35 -43.45
CA PRO E 506 -10.57 -38.59 -44.12
C PRO E 506 -10.06 -37.41 -44.94
N ASP E 507 -8.74 -37.36 -45.15
CA ASP E 507 -8.08 -36.27 -45.86
C ASP E 507 -8.68 -35.98 -47.24
N LEU E 508 -8.76 -37.01 -48.08
CA LEU E 508 -9.09 -36.86 -49.49
C LEU E 508 -10.35 -37.61 -49.92
N ILE E 509 -11.07 -37.02 -50.86
CA ILE E 509 -12.12 -37.74 -51.58
C ILE E 509 -11.67 -37.78 -53.03
N GLN E 510 -11.88 -38.91 -53.71
CA GLN E 510 -11.60 -38.97 -55.13
C GLN E 510 -12.81 -39.49 -55.88
N PHE E 511 -13.22 -38.74 -56.90
CA PHE E 511 -14.37 -39.11 -57.69
C PHE E 511 -13.90 -39.65 -59.03
N TRP E 512 -14.63 -40.64 -59.55
CA TRP E 512 -14.41 -41.13 -60.89
C TRP E 512 -15.68 -40.80 -61.66
N PRO E 513 -15.90 -39.50 -61.95
CA PRO E 513 -17.18 -38.93 -62.37
C PRO E 513 -17.83 -39.64 -63.55
N ALA E 514 -17.02 -40.08 -64.50
CA ALA E 514 -17.55 -40.74 -65.70
C ALA E 514 -18.29 -42.02 -65.35
N GLN E 515 -17.73 -42.80 -64.43
CA GLN E 515 -18.36 -44.03 -63.97
C GLN E 515 -19.16 -43.81 -62.68
N ARG E 516 -19.22 -42.55 -62.25
CA ARG E 516 -20.07 -42.13 -61.13
C ARG E 516 -19.83 -42.92 -59.83
N ARG E 517 -18.57 -43.14 -59.50
CA ARG E 517 -18.21 -43.78 -58.24
C ARG E 517 -17.20 -42.91 -57.48
N TYR E 518 -17.31 -42.91 -56.15
CA TYR E 518 -16.35 -42.21 -55.31
C TYR E 518 -15.64 -43.20 -54.39
N ARG E 519 -14.45 -42.83 -53.96
CA ARG E 519 -13.69 -43.59 -52.97
C ARG E 519 -12.92 -42.54 -52.18
N MET E 520 -12.96 -42.60 -50.86
CA MET E 520 -12.33 -41.56 -50.05
C MET E 520 -11.22 -42.08 -49.14
N VAL E 521 -10.13 -41.32 -49.05
CA VAL E 521 -8.91 -41.79 -48.42
C VAL E 521 -8.33 -40.82 -47.39
N GLU E 522 -7.88 -41.37 -46.27
CA GLU E 522 -7.11 -40.62 -45.28
C GLU E 522 -5.67 -41.12 -45.32
N VAL E 523 -4.72 -40.23 -45.60
CA VAL E 523 -3.33 -40.63 -45.73
C VAL E 523 -2.54 -40.38 -44.45
N LYS E 524 -1.49 -41.17 -44.24
CA LYS E 524 -0.63 -41.04 -43.07
C LYS E 524 0.83 -41.16 -43.48
N GLY E 525 1.61 -40.14 -43.16
CA GLY E 525 3.04 -40.17 -43.42
C GLY E 525 3.75 -41.06 -42.43
N PRO E 526 5.09 -40.98 -42.39
CA PRO E 526 5.88 -41.77 -41.44
C PRO E 526 5.81 -41.21 -40.02
N GLY E 527 5.09 -40.10 -39.84
CA GLY E 527 4.98 -39.48 -38.53
C GLY E 527 3.57 -39.13 -38.10
N ASP E 528 2.63 -40.06 -38.28
CA ASP E 528 1.25 -39.89 -37.81
C ASP E 528 0.46 -41.19 -37.95
N ARG E 529 -0.41 -41.47 -36.98
CA ARG E 529 -1.31 -42.61 -37.06
C ARG E 529 -2.76 -42.15 -37.02
N LEU E 530 -3.69 -43.07 -37.21
CA LEU E 530 -5.11 -42.75 -37.18
C LEU E 530 -5.55 -42.24 -35.82
N GLN E 531 -6.25 -41.10 -35.80
CA GLN E 531 -6.82 -40.59 -34.57
C GLN E 531 -8.03 -41.44 -34.18
N ASP E 532 -8.52 -41.25 -32.97
CA ASP E 532 -9.65 -42.01 -32.47
C ASP E 532 -10.92 -41.78 -33.28
N ASN E 533 -11.27 -40.51 -33.48
CA ASN E 533 -12.47 -40.15 -34.21
C ASN E 533 -12.40 -40.53 -35.68
N GLN E 534 -11.20 -40.45 -36.25
CA GLN E 534 -10.98 -40.84 -37.64
C GLN E 534 -11.20 -42.34 -37.80
N LEU E 535 -10.84 -43.08 -36.77
CA LEU E 535 -11.03 -44.52 -36.74
C LEU E 535 -12.52 -44.84 -36.64
N ARG E 536 -13.23 -44.05 -35.83
CA ARG E 536 -14.66 -44.22 -35.63
C ARG E 536 -15.47 -44.06 -36.92
N TRP E 537 -14.96 -43.28 -37.85
CA TRP E 537 -15.70 -42.99 -39.08
C TRP E 537 -15.38 -44.00 -40.18
N LEU E 538 -14.15 -44.50 -40.18
CA LEU E 538 -13.75 -45.55 -41.08
C LEU E 538 -14.52 -46.83 -40.74
N GLN E 539 -14.70 -47.07 -39.44
CA GLN E 539 -15.52 -48.19 -38.97
C GLN E 539 -16.97 -47.99 -39.38
N PHE E 540 -17.42 -46.74 -39.34
CA PHE E 540 -18.79 -46.39 -39.69
C PHE E 540 -19.06 -46.68 -41.17
N CYS E 541 -18.25 -46.09 -42.03
CA CYS E 541 -18.42 -46.23 -43.48
C CYS E 541 -18.22 -47.67 -43.93
N ARG E 542 -17.35 -48.39 -43.24
CA ARG E 542 -17.10 -49.80 -43.53
C ARG E 542 -18.37 -50.63 -43.33
N GLU E 543 -19.05 -50.39 -42.22
CA GLU E 543 -20.25 -51.15 -41.88
C GLU E 543 -21.41 -50.87 -42.83
N ARG E 544 -21.34 -49.75 -43.55
CA ARG E 544 -22.38 -49.41 -44.51
C ARG E 544 -21.88 -49.48 -45.96
N GLU E 545 -20.85 -50.27 -46.15
CA GLU E 545 -20.29 -50.54 -47.47
C GLU E 545 -19.93 -49.28 -48.25
N MET E 546 -19.33 -48.32 -47.55
CA MET E 546 -18.91 -47.07 -48.16
C MET E 546 -17.42 -47.10 -48.48
N PRO E 547 -17.07 -46.71 -49.72
CA PRO E 547 -15.69 -46.78 -50.23
C PRO E 547 -14.73 -45.89 -49.45
N VAL E 548 -14.11 -46.44 -48.41
CA VAL E 548 -13.09 -45.72 -47.67
C VAL E 548 -11.82 -46.56 -47.58
N ALA E 549 -10.69 -45.89 -47.38
CA ALA E 549 -9.42 -46.59 -47.25
C ALA E 549 -8.36 -45.70 -46.60
N VAL E 550 -7.45 -46.33 -45.85
CA VAL E 550 -6.34 -45.61 -45.24
C VAL E 550 -5.07 -45.80 -46.05
N CYS E 551 -4.47 -44.69 -46.46
CA CYS E 551 -3.24 -44.74 -47.23
C CYS E 551 -2.01 -44.54 -46.35
N TYR E 552 -1.18 -45.57 -46.28
CA TYR E 552 0.05 -45.50 -45.50
C TYR E 552 1.24 -45.24 -46.42
N VAL E 553 2.01 -44.21 -46.11
CA VAL E 553 3.11 -43.78 -46.95
C VAL E 553 4.45 -43.99 -46.27
#